data_5KWY
#
_entry.id   5KWY
#
_cell.length_a   98.956
_cell.length_b   109.686
_cell.length_c   154.560
_cell.angle_alpha   90.00
_cell.angle_beta   90.00
_cell.angle_gamma   90.00
#
_symmetry.space_group_name_H-M   'C 2 2 21'
#
loop_
_entity.id
_entity.type
_entity.pdbx_description
1 polymer 'Niemann-Pick C1 protein'
2 polymer 'Epididymal secretory protein E1'
3 non-polymer 2-acetamido-2-deoxy-beta-D-glucopyranose
4 non-polymer 'CHOLEST-5-EN-3-YL HYDROGEN SULFATE'
5 water water
#
loop_
_entity_poly.entity_id
_entity_poly.type
_entity_poly.pdbx_seq_one_letter_code
_entity_poly.pdbx_strand_id
1 'polypeptide(L)'
;TTNPVDLWSAPSSQARLEKEYFDQHFGPFFRTEQLIIRAPLTDKHIYQPYPSGADVPFGPPLDIQILHQVLDLQIAIENI
TASYDNETVTLQDICLAPLSPYNTNCTILSVLNYFQNSHSVLDHKKGDDFFVYADYHTHFLYCVRAPASLNDTSLLHDPC
LGTFGGPVFPWLVLGGYDDQNYNNATALVITFPVNNYYNDTEKLQRAQAWEKEFINFVKNYKNPNLTISFTAERSIEDEL
NRESDSD
;
A,B
2 'polypeptide(L)'
;EPVQFKDCGSVDGVIKEVNVSPCPTQPCQLSKGQSYSVNVTFTSNIQSKSSKAVVHGILMGVPVPFPIPEPDGCKSGINC
PIQKDKTYSYLNKLPVKSEYPSIKLVVEWQLQDDKNQSLFCWEIPVQIVSHLA
;
C,D
#
loop_
_chem_comp.id
_chem_comp.type
_chem_comp.name
_chem_comp.formula
C3S non-polymer 'CHOLEST-5-EN-3-YL HYDROGEN SULFATE' 'C27 H46 O4 S'
NAG D-saccharide, beta linking 2-acetamido-2-deoxy-beta-D-glucopyranose 'C8 H15 N O6'
#
# COMPACT_ATOMS: atom_id res chain seq x y z
N GLY A 27 24.85 -17.23 -21.10
CA GLY A 27 24.61 -18.65 -21.21
C GLY A 27 24.43 -19.35 -19.88
N PRO A 28 25.19 -20.43 -19.66
CA PRO A 28 25.10 -21.14 -18.37
C PRO A 28 25.72 -20.36 -17.22
N PHE A 29 26.31 -21.10 -16.28
CA PHE A 29 26.81 -20.55 -15.02
C PHE A 29 25.72 -19.84 -14.23
N PHE A 30 24.45 -20.16 -14.52
CA PHE A 30 23.32 -19.55 -13.82
C PHE A 30 22.20 -20.57 -13.73
N ARG A 31 21.88 -20.98 -12.51
CA ARG A 31 20.73 -21.84 -12.28
C ARG A 31 19.46 -20.99 -12.23
N THR A 32 18.39 -21.51 -12.82
CA THR A 32 17.14 -20.76 -12.94
C THR A 32 16.05 -21.45 -12.12
N GLU A 33 15.50 -20.73 -11.15
CA GLU A 33 14.29 -21.15 -10.46
C GLU A 33 13.15 -20.34 -11.02
N GLN A 34 12.27 -20.97 -11.79
CA GLN A 34 11.30 -20.25 -12.60
C GLN A 34 9.87 -20.62 -12.22
N LEU A 35 8.98 -19.62 -12.33
CA LEU A 35 7.55 -19.77 -12.10
C LEU A 35 6.77 -19.16 -13.26
N ILE A 36 5.77 -19.89 -13.73
CA ILE A 36 4.81 -19.39 -14.71
C ILE A 36 3.45 -19.35 -14.02
N ILE A 37 2.85 -18.17 -13.98
CA ILE A 37 1.64 -17.93 -13.21
C ILE A 37 0.54 -17.43 -14.13
N ARG A 38 -0.63 -18.05 -14.05
CA ARG A 38 -1.80 -17.60 -14.79
C ARG A 38 -2.97 -17.43 -13.82
N ALA A 39 -4.00 -16.72 -14.28
CA ALA A 39 -5.19 -16.42 -13.48
C ALA A 39 -6.43 -16.98 -14.17
N PRO A 40 -6.83 -18.21 -13.84
CA PRO A 40 -7.97 -18.82 -14.55
C PRO A 40 -9.31 -18.23 -14.16
N LEU A 41 -9.48 -17.79 -12.91
CA LEU A 41 -10.75 -17.25 -12.43
C LEU A 41 -10.83 -15.73 -12.54
N THR A 42 -9.97 -15.13 -13.34
CA THR A 42 -9.90 -13.68 -13.48
C THR A 42 -10.06 -13.32 -14.95
N ASP A 43 -10.78 -12.23 -15.22
CA ASP A 43 -11.08 -11.81 -16.58
C ASP A 43 -10.20 -10.62 -16.98
N LYS A 44 -10.10 -10.41 -18.29
CA LYS A 44 -9.49 -9.21 -18.83
C LYS A 44 -10.29 -7.98 -18.40
N HIS A 45 -9.63 -6.83 -18.39
CA HIS A 45 -10.33 -5.59 -18.12
C HIS A 45 -9.76 -4.48 -18.99
N ILE A 46 -10.43 -3.33 -18.97
CA ILE A 46 -10.11 -2.21 -19.85
C ILE A 46 -9.69 -1.02 -19.01
N TYR A 47 -8.51 -0.48 -19.30
CA TYR A 47 -8.07 0.78 -18.74
C TYR A 47 -8.57 1.92 -19.62
N GLN A 48 -9.23 2.89 -19.01
CA GLN A 48 -9.75 4.06 -19.72
C GLN A 48 -9.04 5.31 -19.22
N PRO A 49 -8.23 5.97 -20.04
CA PRO A 49 -7.49 7.14 -19.55
C PRO A 49 -8.40 8.33 -19.29
N TYR A 50 -8.01 9.14 -18.31
CA TYR A 50 -8.70 10.39 -18.00
C TYR A 50 -8.06 11.54 -18.79
N PRO A 51 -8.89 12.44 -19.34
CA PRO A 51 -10.36 12.37 -19.30
C PRO A 51 -10.94 11.58 -20.46
N SER A 52 -10.12 11.31 -21.47
CA SER A 52 -10.54 10.55 -22.64
C SER A 52 -9.31 9.93 -23.29
N GLY A 53 -9.55 9.15 -24.34
CA GLY A 53 -8.47 8.47 -25.03
C GLY A 53 -8.84 7.05 -25.42
N ALA A 54 -7.93 6.36 -26.09
CA ALA A 54 -8.20 5.01 -26.54
C ALA A 54 -8.16 4.03 -25.37
N ASP A 55 -9.13 3.13 -25.33
CA ASP A 55 -9.13 2.08 -24.32
C ASP A 55 -7.90 1.20 -24.47
N VAL A 56 -7.36 0.73 -23.34
CA VAL A 56 -6.22 -0.16 -23.37
C VAL A 56 -6.58 -1.46 -22.66
N PRO A 57 -6.60 -2.59 -23.36
CA PRO A 57 -6.94 -3.86 -22.70
C PRO A 57 -5.80 -4.39 -21.85
N PHE A 58 -6.17 -5.12 -20.80
CA PHE A 58 -5.22 -5.69 -19.85
C PHE A 58 -5.64 -7.11 -19.51
N GLY A 59 -4.69 -8.04 -19.68
CA GLY A 59 -4.95 -9.45 -19.51
C GLY A 59 -5.24 -9.87 -18.09
N PRO A 60 -5.64 -11.12 -17.91
CA PRO A 60 -6.07 -11.61 -16.58
C PRO A 60 -5.00 -11.43 -15.51
N PRO A 61 -3.75 -11.85 -15.75
CA PRO A 61 -2.76 -11.75 -14.65
C PRO A 61 -2.34 -10.32 -14.33
N LEU A 62 -2.69 -9.34 -15.15
CA LEU A 62 -2.36 -7.95 -14.89
C LEU A 62 -3.44 -7.26 -14.05
N ASP A 63 -4.28 -8.04 -13.38
CA ASP A 63 -5.24 -7.49 -12.44
C ASP A 63 -4.55 -7.18 -11.12
N ILE A 64 -4.97 -6.09 -10.47
CA ILE A 64 -4.24 -5.55 -9.33
C ILE A 64 -4.20 -6.57 -8.19
N GLN A 65 -5.32 -7.25 -7.91
CA GLN A 65 -5.35 -8.21 -6.83
C GLN A 65 -4.48 -9.42 -7.15
N ILE A 66 -4.52 -9.88 -8.40
CA ILE A 66 -3.63 -10.94 -8.85
C ILE A 66 -2.17 -10.53 -8.63
N LEU A 67 -1.83 -9.29 -8.94
CA LEU A 67 -0.46 -8.83 -8.78
C LEU A 67 -0.05 -8.77 -7.31
N HIS A 68 -0.98 -8.40 -6.43
CA HIS A 68 -0.67 -8.42 -5.00
C HIS A 68 -0.43 -9.85 -4.51
N GLN A 69 -1.28 -10.79 -4.91
CA GLN A 69 -1.10 -12.18 -4.50
C GLN A 69 0.23 -12.73 -5.01
N VAL A 70 0.52 -12.50 -6.30
CA VAL A 70 1.79 -12.95 -6.87
C VAL A 70 2.95 -12.32 -6.12
N LEU A 71 2.82 -11.04 -5.76
CA LEU A 71 3.89 -10.37 -5.02
C LEU A 71 4.13 -11.06 -3.68
N ASP A 72 3.06 -11.45 -2.98
CA ASP A 72 3.26 -12.11 -1.69
C ASP A 72 3.80 -13.53 -1.85
N LEU A 73 3.47 -14.20 -2.96
CA LEU A 73 4.11 -15.49 -3.23
C LEU A 73 5.60 -15.31 -3.50
N GLN A 74 5.97 -14.29 -4.26
CA GLN A 74 7.37 -14.02 -4.55
C GLN A 74 8.14 -13.68 -3.27
N ILE A 75 7.56 -12.85 -2.40
CA ILE A 75 8.19 -12.52 -1.13
C ILE A 75 8.33 -13.78 -0.28
N ALA A 76 7.30 -14.62 -0.25
CA ALA A 76 7.38 -15.89 0.48
C ALA A 76 8.55 -16.72 -0.01
N ILE A 77 8.72 -16.82 -1.33
CA ILE A 77 9.83 -17.59 -1.89
C ILE A 77 11.16 -16.97 -1.46
N GLU A 78 11.24 -15.64 -1.45
CA GLU A 78 12.42 -14.95 -0.95
C GLU A 78 12.69 -15.27 0.52
N ASN A 79 11.66 -15.64 1.28
CA ASN A 79 11.83 -15.94 2.70
C ASN A 79 12.07 -17.42 2.99
N ILE A 80 12.15 -18.27 1.97
CA ILE A 80 12.36 -19.69 2.18
C ILE A 80 13.77 -19.93 2.73
N THR A 81 13.86 -20.75 3.77
CA THR A 81 15.13 -21.07 4.42
C THR A 81 15.33 -22.57 4.42
N ALA A 82 16.51 -23.01 4.00
CA ALA A 82 16.91 -24.41 4.06
C ALA A 82 18.04 -24.56 5.08
N SER A 83 18.49 -25.80 5.26
CA SER A 83 19.57 -26.10 6.20
C SER A 83 20.62 -26.94 5.50
N TYR A 84 21.87 -26.49 5.56
CA TYR A 84 23.00 -27.21 4.98
C TYR A 84 24.20 -27.04 5.91
N ASP A 85 24.86 -28.14 6.22
CA ASP A 85 26.11 -28.14 6.97
C ASP A 85 25.97 -27.40 8.30
N ASN A 86 24.87 -27.69 9.00
CA ASN A 86 24.57 -27.10 10.31
C ASN A 86 24.47 -25.58 10.23
N GLU A 87 24.08 -25.04 9.08
CA GLU A 87 23.88 -23.60 8.93
C GLU A 87 22.63 -23.37 8.09
N THR A 88 21.99 -22.23 8.31
CA THR A 88 20.79 -21.89 7.57
C THR A 88 21.17 -21.23 6.24
N VAL A 89 20.39 -21.51 5.21
CA VAL A 89 20.68 -21.06 3.85
C VAL A 89 19.43 -20.35 3.32
N THR A 90 19.56 -19.05 3.07
CA THR A 90 18.48 -18.29 2.46
C THR A 90 18.80 -18.03 0.99
N LEU A 91 17.80 -17.48 0.27
CA LEU A 91 18.01 -17.16 -1.13
C LEU A 91 19.14 -16.14 -1.30
N GLN A 92 19.30 -15.24 -0.34
CA GLN A 92 20.35 -14.23 -0.41
C GLN A 92 21.74 -14.85 -0.41
N ASP A 93 21.89 -16.08 0.06
CA ASP A 93 23.19 -16.73 0.14
C ASP A 93 23.59 -17.46 -1.14
N ILE A 94 22.69 -17.57 -2.12
CA ILE A 94 22.99 -18.34 -3.32
C ILE A 94 22.62 -17.56 -4.58
N CYS A 95 21.92 -16.44 -4.41
CA CYS A 95 21.36 -15.74 -5.55
C CYS A 95 22.41 -14.86 -6.23
N LEU A 96 22.06 -14.40 -7.42
CA LEU A 96 22.89 -13.45 -8.18
C LEU A 96 22.63 -12.05 -7.66
N ALA A 97 23.61 -11.47 -6.97
CA ALA A 97 23.55 -10.10 -6.47
C ALA A 97 24.71 -9.33 -7.08
N PRO A 98 24.52 -8.75 -8.26
CA PRO A 98 25.68 -8.19 -9.00
C PRO A 98 26.26 -6.94 -8.37
N LEU A 99 25.55 -6.27 -7.47
CA LEU A 99 26.03 -5.04 -6.86
C LEU A 99 26.54 -5.24 -5.44
N SER A 100 26.76 -6.48 -5.03
CA SER A 100 27.31 -6.76 -3.71
C SER A 100 28.69 -6.13 -3.53
N PRO A 101 29.05 -5.75 -2.29
CA PRO A 101 28.24 -5.89 -1.09
C PRO A 101 27.55 -4.61 -0.62
N TYR A 102 27.27 -3.69 -1.55
CA TYR A 102 26.56 -2.47 -1.20
C TYR A 102 25.07 -2.52 -1.54
N ASN A 103 24.71 -3.20 -2.63
CA ASN A 103 23.31 -3.53 -2.93
C ASN A 103 23.23 -5.05 -2.93
N THR A 104 22.74 -5.62 -1.84
CA THR A 104 22.68 -7.07 -1.66
C THR A 104 21.36 -7.66 -2.12
N ASN A 105 20.54 -6.91 -2.84
CA ASN A 105 19.24 -7.40 -3.26
C ASN A 105 19.40 -8.46 -4.35
N CYS A 106 18.69 -9.57 -4.18
CA CYS A 106 18.74 -10.64 -5.16
C CYS A 106 18.11 -10.20 -6.48
N THR A 107 18.71 -10.64 -7.58
CA THR A 107 18.13 -10.38 -8.89
C THR A 107 16.88 -11.23 -9.06
N ILE A 108 15.75 -10.58 -9.29
CA ILE A 108 14.47 -11.25 -9.52
C ILE A 108 13.86 -10.67 -10.78
N LEU A 109 13.72 -11.50 -11.81
CA LEU A 109 13.09 -11.09 -13.06
C LEU A 109 11.59 -11.31 -12.93
N SER A 110 10.84 -10.22 -12.77
CA SER A 110 9.41 -10.28 -12.52
C SER A 110 8.80 -8.94 -12.87
N VAL A 111 7.54 -8.98 -13.33
CA VAL A 111 6.82 -7.75 -13.63
C VAL A 111 6.66 -6.92 -12.36
N LEU A 112 6.57 -7.56 -11.19
CA LEU A 112 6.51 -6.85 -9.93
C LEU A 112 7.74 -5.97 -9.70
N ASN A 113 8.87 -6.29 -10.34
CA ASN A 113 10.06 -5.46 -10.17
C ASN A 113 9.91 -4.10 -10.88
N TYR A 114 8.95 -3.96 -11.80
CA TYR A 114 8.63 -2.63 -12.30
C TYR A 114 8.11 -1.74 -11.18
N PHE A 115 7.62 -2.33 -10.09
CA PHE A 115 7.17 -1.61 -8.92
C PHE A 115 8.07 -1.84 -7.72
N GLN A 116 9.30 -2.30 -7.96
CA GLN A 116 10.29 -2.54 -6.91
C GLN A 116 9.80 -3.56 -5.89
N ASN A 117 8.94 -4.49 -6.33
CA ASN A 117 8.37 -5.53 -5.47
C ASN A 117 7.75 -4.93 -4.22
N SER A 118 7.09 -3.77 -4.39
CA SER A 118 6.53 -3.01 -3.29
C SER A 118 5.01 -2.96 -3.44
N HIS A 119 4.29 -3.40 -2.40
CA HIS A 119 2.84 -3.19 -2.38
C HIS A 119 2.51 -1.70 -2.47
N SER A 120 3.32 -0.86 -1.83
CA SER A 120 3.08 0.58 -1.83
C SER A 120 3.16 1.13 -3.25
N VAL A 121 4.24 0.82 -3.97
CA VAL A 121 4.39 1.34 -5.33
C VAL A 121 3.32 0.75 -6.24
N LEU A 122 2.94 -0.51 -6.01
CA LEU A 122 1.91 -1.15 -6.82
C LEU A 122 0.56 -0.45 -6.66
N ASP A 123 0.21 -0.07 -5.43
CA ASP A 123 -1.05 0.62 -5.18
C ASP A 123 -0.97 2.12 -5.36
N HIS A 124 0.20 2.65 -5.73
CA HIS A 124 0.35 4.10 -5.89
C HIS A 124 -0.55 4.60 -7.01
N LYS A 125 -1.33 5.64 -6.72
CA LYS A 125 -2.24 6.21 -7.71
C LYS A 125 -2.45 7.69 -7.41
N LYS A 126 -2.86 8.43 -8.43
CA LYS A 126 -3.08 9.86 -8.32
C LYS A 126 -4.29 10.27 -9.14
N GLY A 127 -5.07 11.20 -8.60
CA GLY A 127 -6.20 11.75 -9.32
C GLY A 127 -6.86 12.82 -8.49
N ASP A 128 -8.04 13.26 -8.94
CA ASP A 128 -8.89 14.06 -8.08
C ASP A 128 -9.67 13.10 -7.17
N ASP A 129 -10.72 13.59 -6.52
CA ASP A 129 -11.47 12.72 -5.62
C ASP A 129 -12.46 11.82 -6.35
N PHE A 130 -12.53 11.90 -7.67
CA PHE A 130 -13.54 11.18 -8.45
C PHE A 130 -12.95 10.26 -9.51
N PHE A 131 -11.87 10.67 -10.16
CA PHE A 131 -11.25 9.86 -11.20
C PHE A 131 -9.76 9.71 -10.93
N VAL A 132 -9.20 8.59 -11.40
CA VAL A 132 -7.77 8.32 -11.30
C VAL A 132 -7.09 8.85 -12.56
N TYR A 133 -6.10 9.73 -12.37
CA TYR A 133 -5.35 10.23 -13.52
C TYR A 133 -4.24 9.27 -13.90
N ALA A 134 -3.56 8.69 -12.92
CA ALA A 134 -2.44 7.80 -13.16
C ALA A 134 -2.37 6.76 -12.05
N ASP A 135 -2.16 5.50 -12.44
CA ASP A 135 -2.01 4.42 -11.47
C ASP A 135 -1.01 3.39 -11.99
N TYR A 136 -1.16 2.13 -11.57
CA TYR A 136 -0.21 1.10 -12.01
C TYR A 136 -0.36 0.78 -13.49
N HIS A 137 -1.51 1.11 -14.09
CA HIS A 137 -1.68 0.91 -15.53
C HIS A 137 -0.70 1.78 -16.31
N THR A 138 -0.73 3.10 -16.06
CA THR A 138 0.15 4.01 -16.80
C THR A 138 1.61 3.69 -16.52
N HIS A 139 1.95 3.39 -15.27
CA HIS A 139 3.33 3.03 -14.94
C HIS A 139 3.77 1.79 -15.69
N PHE A 140 2.89 0.79 -15.79
CA PHE A 140 3.20 -0.40 -16.57
C PHE A 140 3.43 -0.06 -18.03
N LEU A 141 2.51 0.74 -18.61
CA LEU A 141 2.62 1.10 -20.02
C LEU A 141 3.94 1.82 -20.30
N TYR A 142 4.38 2.68 -19.37
CA TYR A 142 5.64 3.39 -19.59
C TYR A 142 6.83 2.47 -19.41
N CYS A 143 6.84 1.66 -18.34
CA CYS A 143 8.04 0.90 -17.99
C CYS A 143 8.37 -0.17 -19.02
N VAL A 144 7.36 -0.76 -19.67
CA VAL A 144 7.65 -1.80 -20.65
C VAL A 144 8.32 -1.21 -21.89
N ARG A 145 8.26 0.11 -22.08
CA ARG A 145 8.94 0.75 -23.19
C ARG A 145 10.30 1.33 -22.80
N ALA A 146 10.53 1.59 -21.52
CA ALA A 146 11.80 2.15 -21.03
C ALA A 146 12.13 1.52 -19.69
N PRO A 147 12.45 0.22 -19.68
CA PRO A 147 12.57 -0.49 -18.39
C PRO A 147 13.72 -0.02 -17.52
N ALA A 148 14.70 0.67 -18.07
CA ALA A 148 15.82 1.17 -17.28
C ALA A 148 15.59 2.59 -16.75
N SER A 149 14.41 3.16 -16.96
CA SER A 149 14.15 4.51 -16.51
C SER A 149 14.09 4.57 -14.99
N LEU A 150 14.71 5.61 -14.43
CA LEU A 150 14.68 5.83 -12.99
C LEU A 150 13.45 6.60 -12.54
N ASN A 151 12.59 7.00 -13.48
CA ASN A 151 11.43 7.83 -13.15
C ASN A 151 10.47 7.81 -14.35
N ASP A 152 9.24 7.39 -14.11
CA ASP A 152 8.25 7.53 -15.16
C ASP A 152 7.87 9.00 -15.33
N THR A 153 7.39 9.34 -16.50
CA THR A 153 7.03 10.73 -16.80
C THR A 153 5.53 10.92 -16.58
N SER A 154 5.12 10.69 -15.33
CA SER A 154 3.72 10.78 -14.94
C SER A 154 3.64 11.38 -13.54
N LEU A 155 2.42 11.49 -13.02
CA LEU A 155 2.21 12.03 -11.68
C LEU A 155 2.82 11.15 -10.60
N LEU A 156 3.14 9.90 -10.92
CA LEU A 156 3.64 8.96 -9.92
C LEU A 156 5.11 9.18 -9.59
N HIS A 157 5.92 9.61 -10.56
CA HIS A 157 7.35 9.81 -10.38
C HIS A 157 8.04 8.54 -9.88
N ASP A 158 7.52 7.38 -10.27
CA ASP A 158 8.08 6.14 -9.75
C ASP A 158 9.14 5.59 -10.70
N PRO A 159 10.10 4.82 -10.19
CA PRO A 159 11.12 4.23 -11.06
C PRO A 159 10.63 2.95 -11.72
N CYS A 160 11.18 2.70 -12.91
CA CYS A 160 10.96 1.44 -13.60
C CYS A 160 12.01 0.39 -13.29
N LEU A 161 13.19 0.83 -12.81
CA LEU A 161 14.31 -0.07 -12.59
C LEU A 161 14.00 -1.09 -11.49
N GLY A 162 14.55 -2.29 -11.65
CA GLY A 162 14.39 -3.32 -10.65
C GLY A 162 15.17 -3.02 -9.38
N THR A 163 14.88 -3.81 -8.35
CA THR A 163 15.52 -3.60 -7.06
C THR A 163 17.01 -3.93 -7.10
N PHE A 164 17.40 -4.94 -7.88
CA PHE A 164 18.78 -5.38 -8.03
C PHE A 164 19.65 -4.39 -8.83
N GLY A 165 19.13 -3.23 -9.21
CA GLY A 165 19.91 -2.23 -9.90
C GLY A 165 19.96 -2.35 -11.40
N GLY A 166 19.22 -3.27 -12.00
CA GLY A 166 19.21 -3.46 -13.43
C GLY A 166 17.81 -3.44 -14.00
N PRO A 167 17.70 -3.35 -15.32
CA PRO A 167 16.38 -3.32 -15.95
C PRO A 167 15.78 -4.71 -16.09
N VAL A 168 14.45 -4.74 -16.08
CA VAL A 168 13.67 -5.96 -16.29
C VAL A 168 12.99 -5.84 -17.64
N PHE A 169 13.39 -6.66 -18.60
CA PHE A 169 12.84 -6.51 -19.93
C PHE A 169 11.49 -7.21 -20.03
N PRO A 170 10.52 -6.60 -20.72
CA PRO A 170 9.15 -7.14 -20.67
C PRO A 170 9.00 -8.51 -21.29
N TRP A 171 9.71 -8.81 -22.38
CA TRP A 171 9.57 -10.10 -23.04
C TRP A 171 10.13 -11.25 -22.22
N LEU A 172 10.78 -10.98 -21.09
CA LEU A 172 11.29 -12.04 -20.23
C LEU A 172 10.40 -12.33 -19.03
N VAL A 173 9.40 -11.48 -18.77
CA VAL A 173 8.53 -11.65 -17.62
C VAL A 173 7.06 -11.73 -18.00
N LEU A 174 6.72 -11.69 -19.29
CA LEU A 174 5.35 -11.76 -19.74
C LEU A 174 5.25 -12.75 -20.90
N GLY A 175 4.11 -13.45 -20.96
CA GLY A 175 3.86 -14.37 -22.04
C GLY A 175 2.40 -14.29 -22.48
N GLY A 176 2.17 -14.80 -23.68
CA GLY A 176 0.83 -14.86 -24.23
C GLY A 176 0.33 -13.60 -24.89
N TYR A 177 1.10 -12.51 -24.87
CA TYR A 177 0.67 -11.26 -25.46
C TYR A 177 0.83 -11.31 -26.98
N ASP A 178 0.17 -10.37 -27.65
CA ASP A 178 0.22 -10.25 -29.10
C ASP A 178 1.21 -9.18 -29.52
N ASP A 179 2.01 -9.49 -30.55
CA ASP A 179 3.01 -8.57 -31.07
C ASP A 179 3.92 -8.05 -29.96
N GLN A 180 3.89 -6.74 -29.71
CA GLN A 180 4.59 -6.15 -28.58
C GLN A 180 3.63 -5.42 -27.65
N ASN A 181 2.35 -5.78 -27.67
CA ASN A 181 1.36 -5.25 -26.74
C ASN A 181 1.42 -6.08 -25.46
N TYR A 182 2.39 -5.73 -24.61
CA TYR A 182 2.63 -6.49 -23.39
C TYR A 182 1.44 -6.45 -22.44
N ASN A 183 0.57 -5.45 -22.56
CA ASN A 183 -0.59 -5.34 -21.68
C ASN A 183 -1.57 -6.50 -21.86
N ASN A 184 -1.54 -7.17 -23.02
CA ASN A 184 -2.41 -8.31 -23.28
C ASN A 184 -1.81 -9.63 -22.81
N ALA A 185 -0.85 -9.59 -21.90
CA ALA A 185 -0.22 -10.81 -21.42
C ALA A 185 -1.22 -11.65 -20.64
N THR A 186 -1.12 -12.97 -20.81
CA THR A 186 -1.96 -13.92 -20.09
C THR A 186 -1.17 -14.77 -19.11
N ALA A 187 0.15 -14.60 -19.03
CA ALA A 187 0.99 -15.35 -18.11
C ALA A 187 2.11 -14.45 -17.60
N LEU A 188 2.52 -14.69 -16.36
CA LEU A 188 3.64 -14.01 -15.75
C LEU A 188 4.78 -14.99 -15.52
N VAL A 189 6.01 -14.54 -15.77
CA VAL A 189 7.19 -15.37 -15.58
C VAL A 189 8.06 -14.71 -14.51
N ILE A 190 8.32 -15.44 -13.43
CA ILE A 190 9.13 -14.96 -12.32
C ILE A 190 10.36 -15.85 -12.22
N THR A 191 11.53 -15.25 -12.40
CA THR A 191 12.78 -16.00 -12.48
C THR A 191 13.72 -15.55 -11.37
N PHE A 192 14.16 -16.50 -10.54
CA PHE A 192 15.21 -16.31 -9.56
C PHE A 192 16.47 -16.97 -10.09
N PRO A 193 17.44 -16.21 -10.62
CA PRO A 193 18.72 -16.82 -11.00
C PRO A 193 19.68 -16.90 -9.82
N VAL A 194 20.18 -18.10 -9.54
CA VAL A 194 21.17 -18.31 -8.50
C VAL A 194 22.48 -18.70 -9.16
N ASN A 195 23.58 -18.37 -8.50
CA ASN A 195 24.90 -18.60 -9.08
C ASN A 195 25.18 -20.10 -9.20
N ASN A 196 25.63 -20.52 -10.38
CA ASN A 196 26.01 -21.89 -10.63
C ASN A 196 27.53 -22.02 -10.62
N TYR A 197 28.01 -23.18 -10.15
CA TYR A 197 29.43 -23.39 -9.98
C TYR A 197 29.82 -24.78 -10.50
N TYR A 198 31.03 -24.85 -11.06
CA TYR A 198 31.64 -26.11 -11.44
C TYR A 198 32.94 -26.38 -10.69
N ASN A 199 33.44 -25.42 -9.94
CA ASN A 199 34.67 -25.57 -9.15
C ASN A 199 34.40 -25.50 -7.66
N ASP A 200 33.14 -25.66 -7.24
CA ASP A 200 32.78 -25.55 -5.83
C ASP A 200 31.53 -26.41 -5.60
N THR A 201 31.77 -27.69 -5.27
CA THR A 201 30.66 -28.61 -5.03
C THR A 201 29.85 -28.21 -3.81
N GLU A 202 30.48 -27.52 -2.85
CA GLU A 202 29.77 -27.12 -1.64
C GLU A 202 28.68 -26.08 -1.95
N LYS A 203 29.02 -25.06 -2.74
CA LYS A 203 28.02 -24.06 -3.12
C LYS A 203 26.90 -24.68 -3.95
N LEU A 204 27.26 -25.66 -4.79
CA LEU A 204 26.25 -26.34 -5.61
C LEU A 204 25.29 -27.14 -4.73
N GLN A 205 25.81 -27.88 -3.75
CA GLN A 205 24.95 -28.65 -2.87
C GLN A 205 24.12 -27.73 -1.97
N ARG A 206 24.68 -26.59 -1.56
CA ARG A 206 23.92 -25.61 -0.80
C ARG A 206 22.72 -25.10 -1.60
N ALA A 207 22.98 -24.66 -2.84
CA ALA A 207 21.91 -24.22 -3.72
C ALA A 207 20.91 -25.35 -3.98
N GLN A 208 21.38 -26.60 -3.97
CA GLN A 208 20.46 -27.72 -4.22
C GLN A 208 19.56 -27.97 -3.01
N ALA A 209 20.08 -27.81 -1.80
CA ALA A 209 19.24 -27.93 -0.62
C ALA A 209 18.20 -26.83 -0.58
N TRP A 210 18.62 -25.59 -0.83
CA TRP A 210 17.64 -24.51 -0.93
C TRP A 210 16.60 -24.80 -2.01
N GLU A 211 17.04 -25.38 -3.13
CA GLU A 211 16.09 -25.73 -4.19
C GLU A 211 15.11 -26.80 -3.73
N LYS A 212 15.56 -27.71 -2.85
CA LYS A 212 14.64 -28.70 -2.29
C LYS A 212 13.57 -28.03 -1.45
N GLU A 213 13.99 -27.14 -0.55
CA GLU A 213 13.00 -26.41 0.27
C GLU A 213 12.05 -25.61 -0.61
N PHE A 214 12.58 -24.97 -1.66
CA PHE A 214 11.75 -24.19 -2.57
C PHE A 214 10.73 -25.07 -3.29
N ILE A 215 11.16 -26.24 -3.75
CA ILE A 215 10.25 -27.17 -4.42
C ILE A 215 9.14 -27.63 -3.48
N ASN A 216 9.50 -27.95 -2.23
CA ASN A 216 8.49 -28.35 -1.26
C ASN A 216 7.47 -27.23 -1.03
N PHE A 217 7.97 -26.01 -0.81
CA PHE A 217 7.07 -24.88 -0.56
C PHE A 217 6.11 -24.67 -1.72
N VAL A 218 6.65 -24.49 -2.93
CA VAL A 218 5.80 -24.18 -4.08
C VAL A 218 4.86 -25.34 -4.38
N LYS A 219 5.30 -26.58 -4.15
CA LYS A 219 4.43 -27.72 -4.39
C LYS A 219 3.32 -27.83 -3.35
N ASN A 220 3.49 -27.23 -2.17
CA ASN A 220 2.44 -27.21 -1.15
C ASN A 220 1.71 -25.87 -1.07
N TYR A 221 1.66 -25.12 -2.16
CA TYR A 221 0.99 -23.83 -2.21
C TYR A 221 -0.19 -23.94 -3.17
N LYS A 222 -1.40 -23.77 -2.66
CA LYS A 222 -2.62 -23.93 -3.45
C LYS A 222 -3.48 -22.68 -3.31
N ASN A 223 -3.71 -22.00 -4.43
CA ASN A 223 -4.52 -20.80 -4.52
C ASN A 223 -5.44 -20.91 -5.74
N PRO A 224 -6.76 -20.98 -5.54
CA PRO A 224 -7.67 -21.17 -6.68
C PRO A 224 -7.57 -20.06 -7.72
N ASN A 225 -7.06 -18.89 -7.37
CA ASN A 225 -6.93 -17.79 -8.32
C ASN A 225 -5.66 -17.88 -9.16
N LEU A 226 -4.73 -18.78 -8.83
CA LEU A 226 -3.44 -18.84 -9.50
C LEU A 226 -3.15 -20.27 -9.93
N THR A 227 -2.88 -20.46 -11.22
CA THR A 227 -2.30 -21.70 -11.72
C THR A 227 -0.80 -21.49 -11.86
N ILE A 228 -0.02 -22.32 -11.19
CA ILE A 228 1.42 -22.11 -11.02
C ILE A 228 2.17 -23.31 -11.58
N SER A 229 3.13 -23.04 -12.45
CA SER A 229 4.08 -24.04 -12.95
C SER A 229 5.47 -23.67 -12.42
N PHE A 230 6.14 -24.64 -11.80
CA PHE A 230 7.42 -24.40 -11.16
C PHE A 230 8.50 -25.25 -11.80
N THR A 231 9.71 -24.69 -11.90
CA THR A 231 10.88 -25.43 -12.34
C THR A 231 12.07 -25.04 -11.48
N ALA A 232 12.77 -26.03 -10.96
CA ALA A 232 14.04 -25.84 -10.28
C ALA A 232 15.16 -26.41 -11.16
N GLU A 233 16.37 -26.47 -10.61
CA GLU A 233 17.51 -27.02 -11.33
C GLU A 233 17.83 -28.42 -10.79
N ARG A 234 16.87 -29.32 -11.01
CA ARG A 234 17.00 -30.71 -10.62
C ARG A 234 18.13 -31.40 -11.39
N VAL B 5 -22.10 26.97 10.95
CA VAL B 5 -21.29 27.62 11.97
C VAL B 5 -19.80 27.47 11.66
N ASP B 6 -19.24 26.31 12.00
CA ASP B 6 -17.85 25.98 11.69
C ASP B 6 -17.86 25.03 10.49
N LEU B 7 -17.58 25.57 9.31
CA LEU B 7 -17.65 24.77 8.08
C LEU B 7 -16.51 23.77 7.96
N TRP B 8 -15.46 23.88 8.78
CA TRP B 8 -14.40 22.88 8.77
C TRP B 8 -14.82 21.57 9.43
N SER B 9 -15.91 21.58 10.20
CA SER B 9 -16.33 20.42 10.98
C SER B 9 -17.26 19.49 10.20
N ALA B 10 -17.49 19.75 8.91
CA ALA B 10 -18.43 18.94 8.15
C ALA B 10 -17.99 17.48 8.02
N PRO B 11 -16.74 17.15 7.63
CA PRO B 11 -16.37 15.72 7.56
C PRO B 11 -16.40 15.03 8.91
N SER B 12 -16.09 15.74 9.99
CA SER B 12 -16.08 15.11 11.32
C SER B 12 -17.50 14.82 11.79
N SER B 13 -18.39 15.81 11.69
CA SER B 13 -19.79 15.57 12.06
C SER B 13 -20.41 14.50 11.17
N GLN B 14 -20.08 14.52 9.88
CA GLN B 14 -20.64 13.55 8.95
C GLN B 14 -20.17 12.13 9.26
N ALA B 15 -18.86 11.96 9.50
CA ALA B 15 -18.33 10.65 9.87
C ALA B 15 -18.91 10.19 11.19
N ARG B 16 -19.10 11.10 12.14
CA ARG B 16 -19.77 10.76 13.40
C ARG B 16 -21.19 10.25 13.14
N LEU B 17 -21.90 10.89 12.21
CA LEU B 17 -23.26 10.44 11.87
C LEU B 17 -23.25 9.06 11.22
N GLU B 18 -22.27 8.79 10.35
CA GLU B 18 -22.15 7.47 9.74
C GLU B 18 -21.89 6.41 10.81
N LYS B 19 -20.99 6.70 11.75
CA LYS B 19 -20.73 5.79 12.85
C LYS B 19 -22.00 5.52 13.66
N GLU B 20 -22.74 6.59 13.97
CA GLU B 20 -24.00 6.43 14.70
C GLU B 20 -24.98 5.55 13.94
N TYR B 21 -25.10 5.75 12.63
CA TYR B 21 -26.01 4.91 11.86
C TYR B 21 -25.57 3.45 11.90
N PHE B 22 -24.26 3.20 11.76
CA PHE B 22 -23.79 1.82 11.75
C PHE B 22 -24.07 1.13 13.06
N ASP B 23 -23.68 1.74 14.19
CA ASP B 23 -23.93 1.07 15.46
C ASP B 23 -25.41 1.02 15.81
N GLN B 24 -26.22 1.94 15.25
CA GLN B 24 -27.67 1.86 15.40
C GLN B 24 -28.27 0.73 14.57
N HIS B 25 -27.60 0.30 13.51
CA HIS B 25 -28.16 -0.68 12.58
C HIS B 25 -27.32 -1.94 12.46
N PHE B 26 -26.45 -2.23 13.43
CA PHE B 26 -25.64 -3.43 13.34
C PHE B 26 -26.46 -4.68 13.64
N GLY B 27 -27.28 -4.62 14.69
CA GLY B 27 -28.18 -5.71 15.00
C GLY B 27 -27.48 -6.89 15.65
N PRO B 28 -28.25 -7.68 16.42
CA PRO B 28 -27.65 -8.81 17.15
C PRO B 28 -27.55 -10.09 16.36
N PHE B 29 -28.23 -10.20 15.22
CA PHE B 29 -28.31 -11.45 14.48
C PHE B 29 -27.80 -11.26 13.06
N PHE B 30 -26.99 -12.21 12.60
CA PHE B 30 -26.53 -12.29 11.22
C PHE B 30 -25.88 -13.64 11.03
N ARG B 31 -25.72 -14.03 9.77
CA ARG B 31 -24.99 -15.24 9.43
C ARG B 31 -23.49 -14.97 9.51
N THR B 32 -22.76 -15.86 10.16
CA THR B 32 -21.34 -15.64 10.45
C THR B 32 -20.50 -16.56 9.57
N GLU B 33 -19.68 -15.96 8.70
CA GLU B 33 -18.66 -16.70 7.95
C GLU B 33 -17.31 -16.31 8.53
N GLN B 34 -16.64 -17.25 9.19
CA GLN B 34 -15.50 -16.91 10.02
C GLN B 34 -14.25 -17.68 9.63
N LEU B 35 -13.10 -17.05 9.84
CA LEU B 35 -11.79 -17.67 9.69
C LEU B 35 -10.97 -17.41 10.95
N ILE B 36 -10.18 -18.40 11.34
CA ILE B 36 -9.22 -18.28 12.42
C ILE B 36 -7.86 -18.67 11.86
N ILE B 37 -6.96 -17.71 11.71
CA ILE B 37 -5.69 -17.90 11.04
C ILE B 37 -4.57 -17.83 12.06
N ARG B 38 -3.59 -18.73 11.92
CA ARG B 38 -2.37 -18.69 12.70
C ARG B 38 -1.17 -18.83 11.77
N ALA B 39 0.00 -18.41 12.28
CA ALA B 39 1.23 -18.41 11.50
C ALA B 39 2.20 -19.45 12.05
N PRO B 40 2.25 -20.65 11.49
CA PRO B 40 3.14 -21.69 12.07
C PRO B 40 4.61 -21.41 11.84
N LEU B 41 4.99 -20.99 10.63
CA LEU B 41 6.40 -20.82 10.28
C LEU B 41 6.91 -19.41 10.53
N THR B 42 6.26 -18.65 11.41
CA THR B 42 6.68 -17.30 11.74
C THR B 42 6.76 -17.18 13.26
N ASP B 43 7.85 -16.59 13.74
CA ASP B 43 8.05 -16.41 15.17
C ASP B 43 7.75 -14.97 15.58
N LYS B 44 7.54 -14.78 16.88
CA LYS B 44 7.28 -13.45 17.41
C LYS B 44 8.48 -12.53 17.17
N HIS B 45 8.21 -11.23 17.12
CA HIS B 45 9.27 -10.26 16.92
C HIS B 45 9.08 -9.10 17.87
N ILE B 46 10.07 -8.21 17.92
CA ILE B 46 10.07 -7.08 18.84
C ILE B 46 10.08 -5.79 18.04
N TYR B 47 9.23 -4.84 18.45
CA TYR B 47 9.20 -3.51 17.86
C TYR B 47 9.89 -2.54 18.82
N GLN B 48 10.89 -1.82 18.31
CA GLN B 48 11.62 -0.83 19.08
C GLN B 48 11.27 0.56 18.59
N PRO B 49 10.72 1.43 19.43
CA PRO B 49 10.37 2.77 18.96
C PRO B 49 11.61 3.63 18.71
N TYR B 50 11.41 4.66 17.89
CA TYR B 50 12.44 5.66 17.66
C TYR B 50 12.11 6.89 18.49
N PRO B 51 13.14 7.55 19.04
CA PRO B 51 14.54 7.12 19.03
C PRO B 51 14.86 6.12 20.13
N SER B 52 13.98 6.05 21.11
CA SER B 52 14.12 5.11 22.21
C SER B 52 12.74 4.83 22.79
N GLY B 53 12.70 3.97 23.80
CA GLY B 53 11.45 3.60 24.42
C GLY B 53 11.38 2.11 24.71
N ALA B 54 10.40 1.71 25.53
CA ALA B 54 10.26 0.30 25.88
C ALA B 54 9.91 -0.53 24.65
N ASP B 55 10.56 -1.69 24.53
CA ASP B 55 10.28 -2.58 23.42
C ASP B 55 8.92 -3.22 23.56
N VAL B 56 8.22 -3.39 22.45
CA VAL B 56 6.87 -3.95 22.43
C VAL B 56 6.91 -5.28 21.69
N PRO B 57 6.52 -6.39 22.32
CA PRO B 57 6.50 -7.67 21.61
C PRO B 57 5.26 -7.81 20.74
N PHE B 58 5.44 -8.47 19.59
CA PHE B 58 4.38 -8.69 18.61
C PHE B 58 4.34 -10.17 18.24
N GLY B 59 3.14 -10.74 18.28
CA GLY B 59 2.93 -12.15 18.04
C GLY B 59 3.17 -12.56 16.61
N PRO B 60 3.26 -13.87 16.38
CA PRO B 60 3.57 -14.39 15.04
C PRO B 60 2.62 -13.89 13.96
N PRO B 61 1.29 -13.94 14.16
CA PRO B 61 0.40 -13.54 13.06
C PRO B 61 0.44 -12.06 12.74
N LEU B 62 1.07 -11.24 13.58
CA LEU B 62 1.19 -9.80 13.32
C LEU B 62 2.47 -9.43 12.59
N ASP B 63 3.16 -10.41 12.01
CA ASP B 63 4.26 -10.12 11.10
C ASP B 63 3.72 -9.49 9.83
N ILE B 64 4.51 -8.58 9.23
CA ILE B 64 4.01 -7.78 8.12
C ILE B 64 3.70 -8.66 6.91
N GLN B 65 4.55 -9.67 6.66
CA GLN B 65 4.31 -10.55 5.52
C GLN B 65 3.09 -11.43 5.75
N ILE B 66 2.93 -11.94 6.97
CA ILE B 66 1.74 -12.71 7.32
C ILE B 66 0.50 -11.85 7.12
N LEU B 67 0.55 -10.59 7.55
CA LEU B 67 -0.61 -9.71 7.38
C LEU B 67 -0.91 -9.46 5.92
N HIS B 68 0.13 -9.34 5.08
CA HIS B 68 -0.11 -9.16 3.65
C HIS B 68 -0.78 -10.40 3.04
N GLN B 69 -0.30 -11.59 3.40
CA GLN B 69 -0.89 -12.81 2.84
C GLN B 69 -2.32 -13.00 3.32
N VAL B 70 -2.57 -12.76 4.61
CA VAL B 70 -3.93 -12.83 5.15
C VAL B 70 -4.83 -11.84 4.43
N LEU B 71 -4.33 -10.63 4.18
CA LEU B 71 -5.12 -9.65 3.44
C LEU B 71 -5.43 -10.14 2.03
N ASP B 72 -4.46 -10.82 1.40
CA ASP B 72 -4.74 -11.45 0.11
C ASP B 72 -5.90 -12.43 0.20
N LEU B 73 -5.86 -13.31 1.20
CA LEU B 73 -6.95 -14.27 1.38
C LEU B 73 -8.28 -13.56 1.62
N GLN B 74 -8.24 -12.44 2.34
CA GLN B 74 -9.45 -11.70 2.66
C GLN B 74 -10.06 -11.09 1.41
N ILE B 75 -9.24 -10.41 0.60
CA ILE B 75 -9.73 -9.81 -0.65
C ILE B 75 -10.25 -10.90 -1.59
N ALA B 76 -9.53 -12.02 -1.67
CA ALA B 76 -9.97 -13.13 -2.50
C ALA B 76 -11.35 -13.63 -2.07
N ILE B 77 -11.54 -13.80 -0.76
CA ILE B 77 -12.84 -14.24 -0.26
C ILE B 77 -13.93 -13.21 -0.60
N GLU B 78 -13.60 -11.92 -0.46
CA GLU B 78 -14.53 -10.88 -0.87
C GLU B 78 -14.80 -10.90 -2.37
N ASN B 79 -13.96 -11.59 -3.16
CA ASN B 79 -14.17 -11.72 -4.59
C ASN B 79 -14.82 -13.04 -4.99
N ILE B 80 -15.13 -13.91 -4.04
CA ILE B 80 -15.77 -15.19 -4.37
C ILE B 80 -17.14 -14.94 -4.97
N THR B 81 -17.39 -15.51 -6.14
CA THR B 81 -18.68 -15.42 -6.81
C THR B 81 -19.27 -16.81 -6.95
N ALA B 82 -20.57 -16.92 -6.71
CA ALA B 82 -21.29 -18.18 -6.79
C ALA B 82 -22.35 -18.10 -7.89
N SER B 83 -22.95 -19.24 -8.20
CA SER B 83 -23.97 -19.33 -9.23
C SER B 83 -25.26 -19.88 -8.61
N TYR B 84 -26.38 -19.26 -8.97
CA TYR B 84 -27.68 -19.66 -8.44
C TYR B 84 -28.78 -19.05 -9.30
N ASP B 85 -29.73 -19.89 -9.70
CA ASP B 85 -30.89 -19.48 -10.49
C ASP B 85 -30.46 -18.78 -11.78
N ASN B 86 -29.43 -19.31 -12.42
CA ASN B 86 -28.85 -18.73 -13.63
C ASN B 86 -28.44 -17.28 -13.41
N GLU B 87 -27.93 -16.99 -12.21
CA GLU B 87 -27.59 -15.63 -11.84
C GLU B 87 -26.40 -15.66 -10.88
N THR B 88 -25.54 -14.67 -10.99
CA THR B 88 -24.34 -14.60 -10.17
C THR B 88 -24.67 -14.05 -8.79
N VAL B 89 -23.95 -14.55 -7.79
CA VAL B 89 -24.13 -14.17 -6.39
C VAL B 89 -22.76 -13.76 -5.86
N THR B 90 -22.54 -12.46 -5.70
CA THR B 90 -21.33 -11.95 -5.09
C THR B 90 -21.55 -11.76 -3.58
N LEU B 91 -20.45 -11.59 -2.85
CA LEU B 91 -20.56 -11.33 -1.42
C LEU B 91 -21.31 -10.02 -1.17
N GLN B 92 -21.13 -9.03 -2.04
CA GLN B 92 -21.78 -7.75 -1.84
C GLN B 92 -23.30 -7.82 -1.98
N ASP B 93 -23.81 -8.84 -2.68
CA ASP B 93 -25.25 -9.00 -2.79
C ASP B 93 -25.89 -9.45 -1.49
N ILE B 94 -25.13 -10.10 -0.61
CA ILE B 94 -25.67 -10.69 0.61
C ILE B 94 -25.05 -10.13 1.87
N CYS B 95 -23.97 -9.35 1.79
CA CYS B 95 -23.25 -8.94 2.97
C CYS B 95 -23.99 -7.83 3.72
N LEU B 96 -23.79 -7.80 5.03
CA LEU B 96 -24.35 -6.77 5.91
C LEU B 96 -23.59 -5.47 5.66
N ALA B 97 -24.19 -4.57 4.89
CA ALA B 97 -23.60 -3.27 4.54
C ALA B 97 -24.61 -2.18 4.88
N PRO B 98 -24.67 -1.76 6.14
CA PRO B 98 -25.74 -0.84 6.55
C PRO B 98 -25.72 0.50 5.84
N LEU B 99 -24.55 1.04 5.52
CA LEU B 99 -24.44 2.39 5.00
C LEU B 99 -24.69 2.49 3.49
N SER B 100 -25.19 1.45 2.85
CA SER B 100 -25.56 1.52 1.44
C SER B 100 -26.74 2.47 1.25
N PRO B 101 -26.82 3.13 0.09
CA PRO B 101 -25.90 3.07 -1.05
C PRO B 101 -24.75 4.05 -0.94
N TYR B 102 -24.79 4.90 0.09
CA TYR B 102 -23.72 5.87 0.29
C TYR B 102 -22.37 5.19 0.55
N ASN B 103 -22.38 4.04 1.22
CA ASN B 103 -21.17 3.27 1.47
C ASN B 103 -21.53 1.80 1.26
N THR B 104 -21.06 1.23 0.15
CA THR B 104 -21.41 -0.12 -0.25
C THR B 104 -20.39 -1.16 0.20
N ASN B 105 -19.39 -0.77 0.97
CA ASN B 105 -18.36 -1.71 1.39
C ASN B 105 -18.93 -2.73 2.37
N CYS B 106 -18.59 -4.00 2.16
CA CYS B 106 -19.06 -5.06 3.05
C CYS B 106 -18.38 -4.95 4.41
N THR B 107 -19.14 -5.27 5.45
CA THR B 107 -18.59 -5.28 6.81
C THR B 107 -17.65 -6.47 6.97
N ILE B 108 -16.40 -6.20 7.32
CA ILE B 108 -15.40 -7.24 7.54
C ILE B 108 -14.75 -6.93 8.88
N LEU B 109 -14.98 -7.80 9.87
CA LEU B 109 -14.35 -7.65 11.18
C LEU B 109 -13.00 -8.35 11.12
N SER B 110 -11.93 -7.55 11.05
CA SER B 110 -10.58 -8.06 10.88
C SER B 110 -9.59 -6.99 11.32
N VAL B 111 -8.41 -7.44 11.75
CA VAL B 111 -7.36 -6.49 12.11
C VAL B 111 -6.93 -5.68 10.89
N LEU B 112 -7.02 -6.28 9.70
CA LEU B 112 -6.68 -5.59 8.46
C LEU B 112 -7.56 -4.37 8.24
N ASN B 113 -8.75 -4.33 8.84
CA ASN B 113 -9.60 -3.16 8.67
C ASN B 113 -9.10 -1.96 9.47
N TYR B 114 -8.22 -2.17 10.45
CA TYR B 114 -7.49 -1.04 11.02
C TYR B 114 -6.68 -0.31 9.96
N PHE B 115 -6.34 -1.01 8.87
CA PHE B 115 -5.61 -0.43 7.75
C PHE B 115 -6.49 -0.32 6.50
N GLN B 116 -7.82 -0.33 6.69
CA GLN B 116 -8.78 -0.17 5.60
C GLN B 116 -8.59 -1.23 4.52
N ASN B 117 -8.11 -2.41 4.92
CA ASN B 117 -7.96 -3.56 4.00
C ASN B 117 -7.10 -3.21 2.79
N SER B 118 -6.10 -2.35 2.98
CA SER B 118 -5.24 -1.88 1.90
C SER B 118 -3.80 -2.29 2.16
N HIS B 119 -3.16 -2.87 1.14
CA HIS B 119 -1.74 -3.20 1.26
C HIS B 119 -0.90 -1.94 1.47
N SER B 120 -1.26 -0.85 0.81
CA SER B 120 -0.47 0.38 0.90
C SER B 120 -0.54 0.97 2.30
N VAL B 121 -1.75 1.10 2.85
CA VAL B 121 -1.89 1.60 4.22
C VAL B 121 -1.12 0.71 5.18
N LEU B 122 -1.14 -0.60 4.94
CA LEU B 122 -0.39 -1.53 5.79
C LEU B 122 1.11 -1.27 5.70
N ASP B 123 1.62 -0.94 4.52
CA ASP B 123 3.04 -0.68 4.34
C ASP B 123 3.42 0.78 4.52
N HIS B 124 2.52 1.60 5.07
CA HIS B 124 2.78 3.03 5.21
C HIS B 124 3.81 3.27 6.32
N LYS B 125 4.92 3.92 5.96
CA LYS B 125 6.01 4.20 6.89
C LYS B 125 6.44 5.65 6.74
N LYS B 126 7.05 6.17 7.81
CA LYS B 126 7.66 7.49 7.80
C LYS B 126 8.94 7.46 8.64
N GLY B 127 9.96 8.17 8.18
CA GLY B 127 11.21 8.23 8.92
C GLY B 127 12.24 9.02 8.15
N ASP B 128 13.47 8.98 8.65
CA ASP B 128 14.59 9.60 7.94
C ASP B 128 15.14 8.59 6.94
N ASP B 129 16.40 8.75 6.53
CA ASP B 129 16.96 7.86 5.51
C ASP B 129 17.30 6.49 6.06
N PHE B 130 17.41 6.33 7.38
CA PHE B 130 17.87 5.08 7.97
C PHE B 130 16.83 4.40 8.86
N PHE B 131 16.12 5.15 9.70
CA PHE B 131 15.20 4.58 10.67
C PHE B 131 13.77 4.96 10.34
N VAL B 132 12.85 4.06 10.67
CA VAL B 132 11.42 4.35 10.59
C VAL B 132 10.97 4.99 11.90
N TYR B 133 10.21 6.08 11.79
CA TYR B 133 9.66 6.74 12.97
C TYR B 133 8.26 6.23 13.30
N ALA B 134 7.51 5.81 12.29
CA ALA B 134 6.14 5.33 12.50
C ALA B 134 5.78 4.38 11.36
N ASP B 135 5.19 3.25 11.71
CA ASP B 135 4.73 2.28 10.72
C ASP B 135 3.46 1.59 11.21
N TYR B 136 3.20 0.38 10.72
CA TYR B 136 1.99 -0.33 11.11
C TYR B 136 2.01 -0.75 12.57
N HIS B 137 3.20 -0.84 13.19
CA HIS B 137 3.25 -1.14 14.62
C HIS B 137 2.60 -0.04 15.44
N THR B 138 3.03 1.21 15.22
CA THR B 138 2.49 2.33 15.97
C THR B 138 1.00 2.51 15.70
N HIS B 139 0.60 2.33 14.44
CA HIS B 139 -0.82 2.45 14.09
C HIS B 139 -1.65 1.38 14.78
N PHE B 140 -1.17 0.14 14.76
CA PHE B 140 -1.87 -0.94 15.45
C PHE B 140 -1.98 -0.67 16.94
N LEU B 141 -0.87 -0.24 17.56
CA LEU B 141 -0.88 0.02 18.99
C LEU B 141 -1.83 1.16 19.34
N TYR B 142 -1.98 2.13 18.44
CA TYR B 142 -2.93 3.21 18.71
C TYR B 142 -4.37 2.75 18.55
N CYS B 143 -4.68 2.09 17.42
CA CYS B 143 -6.08 1.84 17.08
C CYS B 143 -6.75 0.88 18.05
N VAL B 144 -6.01 -0.03 18.67
CA VAL B 144 -6.61 -0.97 19.61
C VAL B 144 -6.99 -0.31 20.93
N ARG B 145 -6.54 0.93 21.17
CA ARG B 145 -6.95 1.70 22.33
C ARG B 145 -7.99 2.75 21.99
N ALA B 146 -8.10 3.16 20.73
CA ALA B 146 -9.09 4.12 20.28
C ALA B 146 -9.66 3.65 18.95
N PRO B 147 -10.51 2.61 18.98
CA PRO B 147 -10.97 2.00 17.72
C PRO B 147 -11.79 2.93 16.84
N ALA B 148 -12.53 3.86 17.44
CA ALA B 148 -13.41 4.75 16.69
C ALA B 148 -12.71 6.02 16.23
N SER B 149 -11.40 6.14 16.42
CA SER B 149 -10.70 7.36 16.07
C SER B 149 -10.64 7.54 14.56
N LEU B 150 -10.84 8.78 14.11
CA LEU B 150 -10.76 9.08 12.68
C LEU B 150 -9.32 9.23 12.20
N ASN B 151 -8.37 9.48 13.10
CA ASN B 151 -6.96 9.58 12.74
C ASN B 151 -6.14 9.14 13.93
N ASP B 152 -5.03 8.45 13.66
CA ASP B 152 -4.08 8.22 14.73
C ASP B 152 -3.30 9.50 15.01
N THR B 153 -2.72 9.58 16.20
CA THR B 153 -1.90 10.74 16.57
C THR B 153 -0.42 10.40 16.36
N SER B 154 -0.06 10.29 15.08
CA SER B 154 1.30 9.98 14.69
C SER B 154 1.59 10.65 13.35
N LEU B 155 2.79 10.38 12.82
CA LEU B 155 3.17 10.91 11.52
C LEU B 155 2.34 10.32 10.38
N LEU B 156 1.67 9.19 10.61
CA LEU B 156 0.94 8.53 9.53
C LEU B 156 -0.40 9.21 9.25
N HIS B 157 -1.07 9.70 10.29
CA HIS B 157 -2.38 10.33 10.16
C HIS B 157 -3.42 9.38 9.57
N ASP B 158 -3.21 8.07 9.74
CA ASP B 158 -4.13 7.12 9.13
C ASP B 158 -5.36 6.90 10.02
N PRO B 159 -6.51 6.62 9.43
CA PRO B 159 -7.71 6.36 10.21
C PRO B 159 -7.69 4.98 10.84
N CYS B 160 -8.52 4.81 11.87
CA CYS B 160 -8.71 3.51 12.49
C CYS B 160 -9.99 2.81 12.06
N LEU B 161 -11.01 3.56 11.65
CA LEU B 161 -12.28 2.95 11.22
C LEU B 161 -12.05 2.04 10.02
N GLY B 162 -12.90 1.03 9.89
CA GLY B 162 -12.64 -0.03 8.95
C GLY B 162 -13.56 -0.16 7.75
N THR B 163 -13.48 0.78 6.81
CA THR B 163 -14.05 0.61 5.46
C THR B 163 -15.58 0.59 5.44
N PHE B 164 -16.22 -0.01 6.44
CA PHE B 164 -17.68 0.01 6.52
C PHE B 164 -18.19 1.18 7.35
N GLY B 165 -17.31 2.06 7.80
CA GLY B 165 -17.70 3.25 8.54
C GLY B 165 -17.76 3.09 10.04
N GLY B 166 -17.48 1.90 10.57
CA GLY B 166 -17.57 1.67 11.99
C GLY B 166 -16.29 1.11 12.57
N PRO B 167 -16.15 1.18 13.89
CA PRO B 167 -14.91 0.72 14.53
C PRO B 167 -14.83 -0.80 14.60
N VAL B 168 -13.59 -1.28 14.69
CA VAL B 168 -13.29 -2.70 14.89
C VAL B 168 -12.75 -2.87 16.30
N PHE B 169 -13.47 -3.59 17.11
CA PHE B 169 -12.92 -3.68 18.45
C PHE B 169 -11.92 -4.83 18.54
N PRO B 170 -10.82 -4.63 19.26
CA PRO B 170 -9.70 -5.58 19.15
C PRO B 170 -10.02 -6.97 19.68
N TRP B 171 -10.81 -7.07 20.75
CA TRP B 171 -11.13 -8.38 21.31
C TRP B 171 -11.98 -9.24 20.37
N LEU B 172 -12.47 -8.69 19.28
CA LEU B 172 -13.27 -9.43 18.31
C LEU B 172 -12.46 -10.00 17.16
N VAL B 173 -11.22 -9.56 16.96
CA VAL B 173 -10.46 -9.93 15.78
C VAL B 173 -9.09 -10.49 16.16
N LEU B 174 -8.86 -10.69 17.45
CA LEU B 174 -7.59 -11.21 17.95
C LEU B 174 -7.84 -12.29 18.98
N GLY B 175 -6.94 -13.28 19.00
CA GLY B 175 -7.03 -14.34 19.98
C GLY B 175 -5.64 -14.74 20.47
N GLY B 176 -5.64 -15.39 21.64
CA GLY B 176 -4.41 -15.93 22.20
C GLY B 176 -3.51 -14.94 22.88
N TYR B 177 -3.96 -13.71 23.11
CA TYR B 177 -3.15 -12.71 23.78
C TYR B 177 -3.36 -12.78 25.29
N ASP B 178 -2.43 -12.16 26.03
CA ASP B 178 -2.48 -12.12 27.48
C ASP B 178 -3.10 -10.81 27.94
N ASP B 179 -4.03 -10.91 28.89
CA ASP B 179 -4.76 -9.75 29.41
C ASP B 179 -5.35 -8.92 28.27
N GLN B 180 -4.97 -7.65 28.18
CA GLN B 180 -5.39 -6.80 27.08
C GLN B 180 -4.19 -6.33 26.28
N ASN B 181 -3.09 -7.08 26.32
CA ASN B 181 -1.93 -6.82 25.48
C ASN B 181 -2.18 -7.47 24.12
N TYR B 182 -2.90 -6.73 23.27
CA TYR B 182 -3.34 -7.25 21.99
C TYR B 182 -2.17 -7.53 21.05
N ASN B 183 -1.03 -6.88 21.26
CA ASN B 183 0.13 -7.11 20.40
C ASN B 183 0.68 -8.52 20.55
N ASN B 184 0.37 -9.22 21.64
CA ASN B 184 0.83 -10.58 21.86
C ASN B 184 -0.10 -11.63 21.26
N ALA B 185 -0.97 -11.24 20.32
CA ALA B 185 -1.93 -12.16 19.76
C ALA B 185 -1.25 -13.26 18.97
N THR B 186 -1.76 -14.48 19.09
CA THR B 186 -1.26 -15.62 18.34
C THR B 186 -2.25 -16.13 17.31
N ALA B 187 -3.38 -15.46 17.14
CA ALA B 187 -4.40 -15.89 16.19
C ALA B 187 -5.19 -14.68 15.70
N LEU B 188 -5.55 -14.71 14.42
CA LEU B 188 -6.39 -13.69 13.81
C LEU B 188 -7.78 -14.27 13.58
N VAL B 189 -8.80 -13.44 13.82
CA VAL B 189 -10.19 -13.82 13.60
C VAL B 189 -10.77 -12.86 12.58
N ILE B 190 -11.24 -13.40 11.45
CA ILE B 190 -11.82 -12.61 10.38
C ILE B 190 -13.28 -13.03 10.24
N THR B 191 -14.19 -12.08 10.39
CA THR B 191 -15.61 -12.35 10.41
C THR B 191 -16.30 -11.60 9.27
N PHE B 192 -17.09 -12.34 8.49
CA PHE B 192 -17.94 -11.81 7.44
C PHE B 192 -19.39 -11.97 7.85
N PRO B 193 -20.07 -10.90 8.26
CA PRO B 193 -21.51 -11.00 8.56
C PRO B 193 -22.40 -10.86 7.32
N VAL B 194 -23.37 -11.75 7.21
CA VAL B 194 -24.29 -11.82 6.07
C VAL B 194 -25.70 -11.60 6.60
N ASN B 195 -26.53 -10.92 5.80
CA ASN B 195 -27.89 -10.63 6.22
C ASN B 195 -28.66 -11.92 6.45
N ASN B 196 -29.62 -11.87 7.39
CA ASN B 196 -30.40 -13.05 7.71
C ASN B 196 -31.45 -13.33 6.64
N TYR B 197 -32.13 -12.28 6.16
CA TYR B 197 -33.25 -12.41 5.24
C TYR B 197 -34.32 -13.33 5.83
N TYR B 198 -35.11 -12.81 6.77
CA TYR B 198 -36.09 -13.65 7.44
C TYR B 198 -37.33 -13.88 6.59
N ASN B 199 -37.85 -12.82 5.95
CA ASN B 199 -39.08 -12.92 5.18
C ASN B 199 -38.82 -13.03 3.67
N ASP B 200 -37.59 -13.30 3.26
CA ASP B 200 -37.23 -13.43 1.84
C ASP B 200 -36.35 -14.66 1.70
N THR B 201 -36.99 -15.82 1.45
CA THR B 201 -36.24 -17.07 1.30
C THR B 201 -35.39 -17.10 0.04
N GLU B 202 -35.69 -16.24 -0.94
CA GLU B 202 -34.91 -16.22 -2.18
C GLU B 202 -33.48 -15.75 -1.92
N LYS B 203 -33.33 -14.53 -1.36
CA LYS B 203 -32.01 -14.02 -1.04
C LYS B 203 -31.32 -14.86 0.03
N LEU B 204 -32.09 -15.56 0.87
CA LEU B 204 -31.48 -16.52 1.78
C LEU B 204 -30.85 -17.68 1.01
N GLN B 205 -31.56 -18.20 0.01
CA GLN B 205 -30.99 -19.24 -0.84
C GLN B 205 -29.76 -18.74 -1.59
N ARG B 206 -29.77 -17.46 -1.99
CA ARG B 206 -28.58 -16.87 -2.58
C ARG B 206 -27.43 -16.85 -1.59
N ALA B 207 -27.72 -16.52 -0.33
CA ALA B 207 -26.68 -16.46 0.70
C ALA B 207 -26.06 -17.83 0.93
N GLN B 208 -26.91 -18.86 1.04
CA GLN B 208 -26.37 -20.22 1.23
C GLN B 208 -25.61 -20.68 -0.01
N ALA B 209 -26.09 -20.31 -1.20
CA ALA B 209 -25.37 -20.66 -2.42
C ALA B 209 -24.02 -19.97 -2.49
N TRP B 210 -23.87 -18.81 -1.85
CA TRP B 210 -22.54 -18.23 -1.73
C TRP B 210 -21.71 -18.94 -0.66
N GLU B 211 -22.37 -19.36 0.43
CA GLU B 211 -21.66 -20.00 1.53
C GLU B 211 -21.01 -21.31 1.10
N LYS B 212 -21.69 -22.07 0.24
CA LYS B 212 -21.09 -23.32 -0.23
C LYS B 212 -19.80 -23.06 -1.02
N GLU B 213 -19.81 -22.03 -1.87
CA GLU B 213 -18.60 -21.69 -2.63
C GLU B 213 -17.53 -21.08 -1.73
N PHE B 214 -17.94 -20.45 -0.63
CA PHE B 214 -16.96 -20.00 0.37
C PHE B 214 -16.26 -21.20 1.00
N ILE B 215 -17.03 -22.20 1.41
CA ILE B 215 -16.45 -23.40 2.00
C ILE B 215 -15.54 -24.11 1.01
N ASN B 216 -15.97 -24.21 -0.25
CA ASN B 216 -15.16 -24.88 -1.26
C ASN B 216 -13.86 -24.12 -1.53
N PHE B 217 -13.96 -22.80 -1.69
CA PHE B 217 -12.78 -21.99 -1.95
C PHE B 217 -11.77 -22.10 -0.82
N VAL B 218 -12.23 -21.91 0.42
CA VAL B 218 -11.28 -21.97 1.53
C VAL B 218 -10.73 -23.39 1.69
N LYS B 219 -11.54 -24.41 1.38
CA LYS B 219 -11.03 -25.77 1.44
C LYS B 219 -9.92 -26.00 0.41
N ASN B 220 -9.98 -25.33 -0.74
CA ASN B 220 -8.98 -25.49 -1.77
C ASN B 220 -7.83 -24.48 -1.66
N TYR B 221 -7.70 -23.80 -0.52
CA TYR B 221 -6.67 -22.78 -0.32
C TYR B 221 -5.63 -23.30 0.67
N LYS B 222 -4.40 -23.47 0.21
CA LYS B 222 -3.31 -23.96 1.03
C LYS B 222 -2.12 -23.02 0.94
N ASN B 223 -1.64 -22.56 2.09
CA ASN B 223 -0.47 -21.70 2.20
C ASN B 223 0.41 -22.23 3.32
N PRO B 224 1.64 -22.67 3.03
CA PRO B 224 2.49 -23.23 4.10
C PRO B 224 2.74 -22.26 5.24
N ASN B 225 2.62 -20.96 5.02
CA ASN B 225 2.83 -19.97 6.08
C ASN B 225 1.59 -19.75 6.94
N LEU B 226 0.46 -20.33 6.59
CA LEU B 226 -0.80 -20.10 7.31
C LEU B 226 -1.45 -21.42 7.67
N THR B 227 -2.07 -21.46 8.84
CA THR B 227 -3.03 -22.50 9.19
C THR B 227 -4.38 -21.83 9.38
N ILE B 228 -5.38 -22.29 8.64
CA ILE B 228 -6.65 -21.59 8.47
C ILE B 228 -7.78 -22.51 8.91
N SER B 229 -8.49 -22.10 9.96
CA SER B 229 -9.76 -22.68 10.33
C SER B 229 -10.88 -21.81 9.76
N PHE B 230 -12.03 -22.42 9.49
CA PHE B 230 -13.11 -21.66 8.88
C PHE B 230 -14.44 -22.31 9.22
N THR B 231 -15.43 -21.48 9.52
CA THR B 231 -16.79 -21.92 9.78
C THR B 231 -17.74 -21.11 8.91
N ALA B 232 -18.85 -21.74 8.52
CA ALA B 232 -19.89 -21.07 7.78
C ALA B 232 -21.23 -21.31 8.46
N GLU B 233 -22.15 -20.37 8.26
CA GLU B 233 -23.50 -20.55 8.77
C GLU B 233 -24.20 -21.75 8.16
N ARG B 234 -23.68 -22.26 7.03
CA ARG B 234 -24.29 -23.39 6.35
C ARG B 234 -24.02 -24.71 7.06
N SER B 235 -22.91 -24.80 7.82
CA SER B 235 -22.56 -26.06 8.46
C SER B 235 -23.60 -26.50 9.48
N ILE B 236 -24.41 -25.58 9.99
CA ILE B 236 -25.38 -25.93 11.03
C ILE B 236 -26.60 -26.61 10.41
N GLU B 237 -27.13 -26.05 9.33
CA GLU B 237 -28.30 -26.64 8.68
C GLU B 237 -27.93 -27.85 7.82
N ASP B 238 -26.64 -28.03 7.51
CA ASP B 238 -26.24 -29.19 6.71
C ASP B 238 -26.40 -30.48 7.51
N GLU B 239 -26.12 -30.44 8.81
CA GLU B 239 -26.22 -31.62 9.67
C GLU B 239 -26.84 -31.21 11.00
N LEU B 240 -28.04 -31.71 11.28
CA LEU B 240 -28.73 -31.51 12.55
C LEU B 240 -28.83 -30.03 12.94
N GLU C 1 33.89 -4.38 9.25
CA GLU C 1 33.21 -4.79 8.03
C GLU C 1 32.73 -3.58 7.24
N PRO C 2 32.77 -3.67 5.91
CA PRO C 2 32.29 -2.55 5.07
C PRO C 2 30.79 -2.35 5.26
N VAL C 3 30.42 -1.19 5.79
CA VAL C 3 29.04 -0.85 6.04
C VAL C 3 28.54 0.06 4.94
N GLN C 4 27.21 0.12 4.79
CA GLN C 4 26.62 1.10 3.90
C GLN C 4 26.67 2.48 4.54
N PHE C 5 26.88 3.50 3.72
CA PHE C 5 26.99 4.86 4.22
C PHE C 5 26.34 5.82 3.24
N LYS C 6 25.91 6.97 3.77
CA LYS C 6 25.41 8.07 2.96
C LYS C 6 26.49 9.15 2.89
N ASP C 7 26.74 9.66 1.69
CA ASP C 7 27.72 10.72 1.52
C ASP C 7 27.06 12.07 1.79
N CYS C 8 27.53 12.79 2.81
CA CYS C 8 27.03 14.13 3.13
C CYS C 8 27.85 15.23 2.46
N GLY C 9 28.40 14.96 1.27
CA GLY C 9 29.08 15.99 0.52
C GLY C 9 30.59 15.99 0.69
N SER C 10 31.26 15.00 0.12
CA SER C 10 32.72 14.95 0.09
C SER C 10 33.19 15.74 -1.12
N VAL C 11 33.61 16.98 -0.89
CA VAL C 11 34.03 17.84 -2.00
C VAL C 11 35.43 17.49 -2.47
N ASP C 12 36.40 17.48 -1.55
CA ASP C 12 37.81 17.35 -1.90
C ASP C 12 38.31 15.91 -1.77
N GLY C 13 37.45 14.93 -1.99
CA GLY C 13 37.86 13.54 -1.92
C GLY C 13 36.72 12.63 -2.29
N VAL C 14 37.06 11.36 -2.48
CA VAL C 14 36.10 10.33 -2.85
C VAL C 14 36.24 9.18 -1.87
N ILE C 15 35.16 8.86 -1.16
CA ILE C 15 35.17 7.75 -0.21
C ILE C 15 35.25 6.43 -0.98
N LYS C 16 36.17 5.56 -0.56
CA LYS C 16 36.27 4.23 -1.14
C LYS C 16 35.67 3.15 -0.25
N GLU C 17 35.76 3.31 1.06
CA GLU C 17 35.22 2.30 1.97
C GLU C 17 35.10 2.89 3.36
N VAL C 18 33.97 2.61 4.01
CA VAL C 18 33.79 2.89 5.44
C VAL C 18 33.71 1.55 6.15
N ASN C 19 34.66 1.29 7.04
CA ASN C 19 34.80 -0.01 7.69
C ASN C 19 34.67 0.18 9.20
N VAL C 20 33.60 -0.37 9.78
CA VAL C 20 33.34 -0.33 11.21
C VAL C 20 33.46 -1.75 11.76
N SER C 21 34.13 -1.89 12.89
CA SER C 21 34.35 -3.22 13.47
C SER C 21 34.35 -3.20 14.99
N PRO C 22 33.66 -4.17 15.61
CA PRO C 22 32.83 -5.19 14.95
C PRO C 22 31.41 -4.69 14.70
N CYS C 23 30.89 -4.95 13.50
CA CYS C 23 29.51 -4.60 13.13
C CYS C 23 28.99 -5.67 12.19
N PRO C 24 28.57 -6.82 12.74
CA PRO C 24 28.08 -7.90 11.87
C PRO C 24 26.76 -7.59 11.18
N THR C 25 25.88 -6.82 11.83
CA THR C 25 24.61 -6.42 11.24
C THR C 25 24.49 -4.91 11.27
N GLN C 26 23.79 -4.37 10.27
CA GLN C 26 23.59 -2.93 10.13
C GLN C 26 22.10 -2.60 10.26
N PRO C 27 21.74 -1.50 10.94
CA PRO C 27 22.54 -0.45 11.60
C PRO C 27 23.45 -0.99 12.70
N CYS C 28 24.62 -0.38 12.88
CA CYS C 28 25.63 -0.95 13.77
C CYS C 28 25.15 -0.88 15.21
N GLN C 29 25.12 -2.05 15.87
CA GLN C 29 24.66 -2.15 17.25
C GLN C 29 25.84 -2.00 18.18
N LEU C 30 25.82 -0.96 19.00
CA LEU C 30 26.93 -0.61 19.90
C LEU C 30 26.53 -1.00 21.32
N SER C 31 27.23 -2.00 21.87
CA SER C 31 27.00 -2.41 23.25
C SER C 31 27.75 -1.50 24.20
N LYS C 32 27.10 -1.15 25.32
CA LYS C 32 27.71 -0.27 26.30
C LYS C 32 28.96 -0.90 26.89
N GLY C 33 29.94 -0.04 27.18
CA GLY C 33 31.19 -0.49 27.76
C GLY C 33 32.07 -1.28 26.81
N GLN C 34 32.02 -0.99 25.53
CA GLN C 34 32.81 -1.70 24.54
C GLN C 34 33.68 -0.71 23.77
N SER C 35 34.25 -1.18 22.66
CA SER C 35 35.09 -0.33 21.81
C SER C 35 34.90 -0.76 20.37
N TYR C 36 34.81 0.23 19.48
CA TYR C 36 34.63 -0.02 18.06
C TYR C 36 35.65 0.81 17.27
N SER C 37 36.14 0.24 16.19
CA SER C 37 37.13 0.88 15.33
C SER C 37 36.51 1.28 14.01
N VAL C 38 36.95 2.40 13.48
CA VAL C 38 36.51 2.92 12.19
C VAL C 38 37.74 3.11 11.31
N ASN C 39 37.59 2.80 10.02
CA ASN C 39 38.67 2.82 9.05
C ASN C 39 38.06 3.25 7.73
N VAL C 40 38.37 4.48 7.32
CA VAL C 40 37.77 5.11 6.15
C VAL C 40 38.84 5.25 5.09
N THR C 41 38.73 4.45 4.04
CA THR C 41 39.62 4.57 2.89
C THR C 41 39.00 5.52 1.87
N PHE C 42 39.77 6.52 1.46
CA PHE C 42 39.28 7.54 0.55
C PHE C 42 40.41 7.99 -0.37
N THR C 43 40.03 8.67 -1.45
CA THR C 43 40.97 9.19 -2.43
C THR C 43 40.87 10.71 -2.45
N SER C 44 41.96 11.37 -2.07
CA SER C 44 41.99 12.83 -2.06
C SER C 44 42.11 13.37 -3.47
N ASN C 45 41.28 14.36 -3.80
CA ASN C 45 41.35 15.05 -5.08
C ASN C 45 42.11 16.37 -4.99
N ILE C 46 42.68 16.68 -3.82
CA ILE C 46 43.30 17.97 -3.57
C ILE C 46 44.55 17.74 -2.73
N GLN C 47 45.42 18.75 -2.72
CA GLN C 47 46.55 18.78 -1.81
C GLN C 47 46.15 19.54 -0.54
N SER C 48 46.61 19.06 0.61
CA SER C 48 46.26 19.71 1.85
C SER C 48 47.39 19.56 2.86
N LYS C 49 47.59 20.61 3.67
CA LYS C 49 48.59 20.59 4.72
C LYS C 49 48.10 19.88 5.96
N SER C 50 46.83 20.08 6.32
CA SER C 50 46.27 19.56 7.56
C SER C 50 44.94 18.87 7.30
N SER C 51 44.41 18.26 8.35
CA SER C 51 43.12 17.58 8.29
C SER C 51 42.59 17.42 9.71
N LYS C 52 41.37 17.89 9.95
CA LYS C 52 40.75 17.85 11.26
C LYS C 52 39.48 16.99 11.20
N ALA C 53 39.38 16.01 12.09
CA ALA C 53 38.21 15.16 12.14
C ALA C 53 37.11 15.83 12.96
N VAL C 54 35.90 15.84 12.43
CA VAL C 54 34.73 16.43 13.08
C VAL C 54 33.61 15.39 13.08
N VAL C 55 33.04 15.13 14.26
CA VAL C 55 32.04 14.10 14.44
C VAL C 55 30.79 14.74 15.04
N HIS C 56 29.63 14.40 14.48
CA HIS C 56 28.34 14.84 15.01
C HIS C 56 27.44 13.62 15.19
N GLY C 57 26.59 13.69 16.21
CA GLY C 57 25.52 12.75 16.37
C GLY C 57 24.20 13.39 15.99
N ILE C 58 23.60 12.91 14.92
CA ILE C 58 22.36 13.46 14.39
C ILE C 58 21.19 12.73 15.04
N LEU C 59 20.44 13.47 15.86
CA LEU C 59 19.27 12.96 16.58
C LEU C 59 18.06 13.78 16.15
N MET C 60 17.04 13.11 15.61
CA MET C 60 15.84 13.77 15.10
C MET C 60 16.20 14.89 14.14
N GLY C 61 17.23 14.66 13.32
CA GLY C 61 17.67 15.63 12.33
C GLY C 61 18.58 16.72 12.83
N VAL C 62 18.89 16.75 14.13
CA VAL C 62 19.70 17.82 14.72
C VAL C 62 21.11 17.28 14.95
N PRO C 63 22.14 17.89 14.37
CA PRO C 63 23.52 17.45 14.65
C PRO C 63 24.00 17.97 15.99
N VAL C 64 24.55 17.08 16.80
CA VAL C 64 25.06 17.40 18.13
C VAL C 64 26.55 17.12 18.13
N PRO C 65 27.41 18.11 18.39
CA PRO C 65 28.85 17.88 18.29
C PRO C 65 29.33 16.88 19.34
N PHE C 66 30.28 16.03 18.93
CA PHE C 66 30.85 15.00 19.79
C PHE C 66 32.37 15.13 19.79
N PRO C 67 32.95 15.69 20.84
CA PRO C 67 34.42 15.84 20.88
C PRO C 67 35.10 14.48 20.98
N ILE C 68 36.08 14.27 20.10
CA ILE C 68 36.87 13.03 20.10
C ILE C 68 38.25 13.33 20.64
N PRO C 69 38.94 12.35 21.25
CA PRO C 69 40.22 12.65 21.91
C PRO C 69 41.28 13.20 20.97
N GLU C 70 41.39 12.66 19.75
CA GLU C 70 42.40 13.08 18.79
C GLU C 70 41.73 13.58 17.52
N PRO C 71 41.39 14.87 17.44
CA PRO C 71 40.78 15.41 16.22
C PRO C 71 41.75 15.64 15.08
N ASP C 72 43.05 15.71 15.33
CA ASP C 72 44.03 15.94 14.27
C ASP C 72 44.15 14.69 13.41
N GLY C 73 43.71 14.79 12.16
CA GLY C 73 43.71 13.62 11.29
C GLY C 73 45.11 13.16 10.88
N CYS C 74 46.07 14.08 10.86
CA CYS C 74 47.44 13.71 10.52
C CYS C 74 48.06 12.76 11.55
N LYS C 75 47.43 12.58 12.71
CA LYS C 75 47.87 11.61 13.71
C LYS C 75 46.93 10.42 13.79
N SER C 76 46.18 10.14 12.73
CA SER C 76 45.19 9.07 12.70
C SER C 76 45.33 8.25 11.42
N GLY C 77 46.55 7.89 11.08
CA GLY C 77 46.82 7.03 9.94
C GLY C 77 47.03 7.74 8.62
N ILE C 78 47.00 9.07 8.59
CA ILE C 78 47.18 9.86 7.38
C ILE C 78 48.55 10.52 7.42
N ASN C 79 49.33 10.33 6.37
CA ASN C 79 50.68 10.89 6.27
C ASN C 79 50.59 12.26 5.62
N CYS C 80 50.53 13.31 6.42
CA CYS C 80 50.47 14.67 5.92
C CYS C 80 51.86 15.15 5.52
N PRO C 81 51.95 15.97 4.46
CA PRO C 81 50.86 16.56 3.67
C PRO C 81 50.10 15.57 2.80
N ILE C 82 48.84 15.88 2.54
CA ILE C 82 47.99 15.02 1.73
C ILE C 82 48.20 15.35 0.26
N GLN C 83 48.43 14.34 -0.56
CA GLN C 83 48.71 14.49 -1.97
C GLN C 83 47.47 14.19 -2.80
N LYS C 84 47.30 14.93 -3.90
CA LYS C 84 46.20 14.71 -4.82
C LYS C 84 46.31 13.33 -5.47
N ASP C 85 45.15 12.72 -5.73
CA ASP C 85 45.03 11.43 -6.40
C ASP C 85 45.72 10.29 -5.64
N LYS C 86 45.93 10.46 -4.34
CA LYS C 86 46.50 9.42 -3.49
C LYS C 86 45.41 8.87 -2.56
N THR C 87 45.53 7.58 -2.24
CA THR C 87 44.58 6.90 -1.38
C THR C 87 45.08 6.86 0.05
N TYR C 88 44.18 7.13 0.99
CA TYR C 88 44.49 7.19 2.41
C TYR C 88 43.47 6.40 3.21
N SER C 89 43.83 6.06 4.45
CA SER C 89 42.96 5.35 5.36
C SER C 89 42.99 6.04 6.72
N TYR C 90 41.88 6.70 7.07
CA TYR C 90 41.72 7.29 8.39
C TYR C 90 41.31 6.23 9.39
N LEU C 91 42.03 6.13 10.50
CA LEU C 91 41.80 5.11 11.51
C LEU C 91 41.43 5.74 12.83
N ASN C 92 40.53 5.10 13.57
CA ASN C 92 40.20 5.55 14.92
C ASN C 92 39.52 4.42 15.68
N LYS C 93 39.46 4.57 16.99
CA LYS C 93 38.81 3.59 17.86
C LYS C 93 38.23 4.33 19.05
N LEU C 94 36.92 4.17 19.26
CA LEU C 94 36.23 4.86 20.34
C LEU C 94 35.47 3.86 21.20
N PRO C 95 35.41 4.10 22.51
CA PRO C 95 34.63 3.23 23.38
C PRO C 95 33.19 3.70 23.52
N VAL C 96 32.27 2.74 23.46
CA VAL C 96 30.88 2.98 23.84
C VAL C 96 30.80 2.85 25.35
N LYS C 97 30.50 3.96 26.02
CA LYS C 97 30.50 4.04 27.46
C LYS C 97 29.12 3.72 28.02
N SER C 98 29.08 3.41 29.32
CA SER C 98 27.84 2.99 29.96
C SER C 98 26.89 4.15 30.25
N GLU C 99 27.40 5.37 30.39
CA GLU C 99 26.56 6.52 30.64
C GLU C 99 26.03 7.17 29.37
N TYR C 100 26.45 6.68 28.21
CA TYR C 100 25.80 7.10 26.97
C TYR C 100 24.37 6.57 26.94
N PRO C 101 23.41 7.34 26.43
CA PRO C 101 22.04 6.85 26.37
C PRO C 101 21.86 5.78 25.28
N SER C 102 21.09 4.76 25.60
CA SER C 102 20.75 3.73 24.63
C SER C 102 19.69 4.29 23.68
N ILE C 103 20.09 4.59 22.45
CA ILE C 103 19.24 5.35 21.52
C ILE C 103 19.69 5.05 20.11
N LYS C 104 18.77 5.23 19.15
CA LYS C 104 19.10 5.17 17.73
C LYS C 104 19.42 6.57 17.22
N LEU C 105 20.55 6.70 16.52
CA LEU C 105 20.96 7.99 15.98
C LEU C 105 21.76 7.75 14.71
N VAL C 106 22.09 8.84 14.03
CA VAL C 106 22.92 8.80 12.83
C VAL C 106 24.29 9.39 13.19
N VAL C 107 25.36 8.65 12.90
CA VAL C 107 26.70 9.12 13.17
C VAL C 107 27.24 9.78 11.92
N GLU C 108 27.52 11.08 12.00
CA GLU C 108 28.08 11.85 10.89
C GLU C 108 29.56 12.11 11.14
N TRP C 109 30.41 11.72 10.20
CA TRP C 109 31.85 11.84 10.35
C TRP C 109 32.42 12.56 9.14
N GLN C 110 33.19 13.63 9.39
CA GLN C 110 33.83 14.36 8.31
C GLN C 110 35.30 14.63 8.65
N LEU C 111 36.08 14.89 7.61
CA LEU C 111 37.52 15.14 7.72
C LEU C 111 37.82 16.38 6.89
N GLN C 112 38.04 17.51 7.56
CA GLN C 112 38.23 18.79 6.88
C GLN C 112 39.70 19.02 6.55
N ASP C 113 39.95 19.84 5.53
CA ASP C 113 41.30 20.15 5.10
C ASP C 113 41.65 21.63 5.28
N ASP C 114 42.61 22.11 4.50
CA ASP C 114 43.08 23.49 4.64
C ASP C 114 41.95 24.49 4.44
N LYS C 115 41.14 24.30 3.41
CA LYS C 115 40.05 25.20 3.07
C LYS C 115 38.83 25.01 3.96
N ASN C 116 38.94 24.23 5.03
CA ASN C 116 37.80 23.73 5.79
C ASN C 116 36.71 23.21 4.86
N GLN C 117 37.09 22.22 4.06
CA GLN C 117 36.16 21.48 3.23
C GLN C 117 36.42 20.00 3.41
N SER C 118 35.37 19.21 3.22
CA SER C 118 35.41 17.79 3.58
C SER C 118 36.14 16.98 2.51
N LEU C 119 37.26 16.37 2.89
CA LEU C 119 37.86 15.32 2.09
C LEU C 119 36.94 14.10 2.03
N PHE C 120 36.30 13.77 3.15
CA PHE C 120 35.20 12.81 3.14
C PHE C 120 34.14 13.25 4.13
N CYS C 121 32.89 12.91 3.82
CA CYS C 121 31.74 13.20 4.68
C CYS C 121 30.79 12.02 4.53
N TRP C 122 30.62 11.23 5.59
CA TRP C 122 29.71 10.11 5.54
C TRP C 122 28.92 10.03 6.84
N GLU C 123 27.83 9.26 6.78
CA GLU C 123 26.97 9.03 7.93
C GLU C 123 26.38 7.62 7.86
N ILE C 124 26.41 6.93 9.00
CA ILE C 124 25.89 5.57 9.08
C ILE C 124 24.89 5.49 10.23
N PRO C 125 23.95 4.55 10.18
CA PRO C 125 23.02 4.37 11.29
C PRO C 125 23.62 3.51 12.39
N VAL C 126 23.34 3.92 13.63
CA VAL C 126 23.95 3.33 14.81
C VAL C 126 22.89 3.25 15.90
N GLN C 127 22.94 2.19 16.72
CA GLN C 127 22.02 2.01 17.83
C GLN C 127 22.81 1.59 19.05
N ILE C 128 22.94 2.51 20.01
CA ILE C 128 23.49 2.14 21.32
C ILE C 128 22.44 1.32 22.06
N VAL C 129 22.80 0.10 22.44
CA VAL C 129 21.83 -0.85 22.98
C VAL C 129 22.17 -1.15 24.44
N SER C 130 21.13 -1.26 25.26
CA SER C 130 21.26 -1.93 26.54
C SER C 130 21.10 -3.43 26.41
N HIS C 131 20.53 -3.89 25.29
CA HIS C 131 20.46 -5.30 24.93
C HIS C 131 20.35 -5.38 23.42
N LEU C 132 21.05 -6.36 22.86
CA LEU C 132 21.13 -6.62 21.44
C LEU C 132 19.88 -7.13 20.79
N ALA C 133 19.82 -7.02 19.46
CA ALA C 133 18.64 -7.54 18.79
C ALA C 133 19.00 -8.09 17.41
N GLU D 1 -32.19 6.90 -9.34
CA GLU D 1 -31.58 6.35 -8.14
C GLU D 1 -30.76 7.40 -7.40
N PRO D 2 -30.72 7.31 -6.07
CA PRO D 2 -29.86 8.22 -5.30
C PRO D 2 -28.38 7.93 -5.59
N VAL D 3 -27.65 8.97 -5.97
CA VAL D 3 -26.26 8.85 -6.34
C VAL D 3 -25.40 9.50 -5.27
N GLN D 4 -24.19 8.97 -5.08
CA GLN D 4 -23.24 9.59 -4.18
C GLN D 4 -22.82 10.95 -4.72
N PHE D 5 -22.66 11.91 -3.83
CA PHE D 5 -22.27 13.25 -4.22
C PHE D 5 -21.37 13.86 -3.16
N LYS D 6 -20.55 14.82 -3.59
CA LYS D 6 -19.74 15.63 -2.71
C LYS D 6 -20.35 17.02 -2.62
N ASP D 7 -20.48 17.54 -1.40
CA ASP D 7 -21.01 18.88 -1.20
C ASP D 7 -19.89 19.90 -1.38
N CYS D 8 -20.01 20.77 -2.38
CA CYS D 8 -19.00 21.77 -2.67
C CYS D 8 -19.26 23.09 -1.95
N GLY D 9 -20.07 23.09 -0.90
CA GLY D 9 -20.28 24.28 -0.12
C GLY D 9 -21.69 24.83 -0.16
N SER D 10 -22.63 24.10 0.43
CA SER D 10 -24.01 24.56 0.58
C SER D 10 -24.10 25.32 1.89
N VAL D 11 -24.06 26.65 1.82
CA VAL D 11 -24.04 27.46 3.03
C VAL D 11 -25.45 27.76 3.53
N ASP D 12 -26.39 28.07 2.63
CA ASP D 12 -27.74 28.45 3.01
C ASP D 12 -28.73 27.30 2.86
N GLY D 13 -28.26 26.07 2.82
CA GLY D 13 -29.16 24.94 2.67
C GLY D 13 -28.43 23.65 2.94
N VAL D 14 -29.23 22.58 3.10
CA VAL D 14 -28.72 21.25 3.37
C VAL D 14 -29.30 20.30 2.33
N ILE D 15 -28.43 19.63 1.58
CA ILE D 15 -28.91 18.68 0.58
C ILE D 15 -29.40 17.43 1.27
N LYS D 16 -30.59 16.98 0.87
CA LYS D 16 -31.14 15.71 1.35
C LYS D 16 -30.87 14.56 0.38
N GLU D 17 -30.97 14.81 -0.92
CA GLU D 17 -30.72 13.73 -1.88
C GLU D 17 -30.48 14.33 -3.26
N VAL D 18 -29.63 13.65 -4.02
CA VAL D 18 -29.41 13.95 -5.43
C VAL D 18 -29.78 12.69 -6.21
N ASN D 19 -30.88 12.75 -6.96
CA ASN D 19 -31.41 11.60 -7.68
C ASN D 19 -31.25 11.84 -9.17
N VAL D 20 -30.48 10.96 -9.83
CA VAL D 20 -30.24 11.04 -11.26
C VAL D 20 -30.84 9.80 -11.91
N SER D 21 -31.62 10.01 -12.98
CA SER D 21 -32.31 8.91 -13.63
C SER D 21 -32.29 9.01 -15.15
N PRO D 22 -31.98 7.89 -15.82
CA PRO D 22 -31.57 6.65 -15.18
C PRO D 22 -30.05 6.56 -15.00
N CYS D 23 -29.61 6.08 -13.84
CA CYS D 23 -28.19 5.90 -13.55
C CYS D 23 -28.04 4.65 -12.69
N PRO D 24 -27.99 3.47 -13.31
CA PRO D 24 -27.91 2.24 -12.51
C PRO D 24 -26.60 2.06 -11.77
N THR D 25 -25.48 2.41 -12.39
CA THR D 25 -24.16 2.29 -11.77
C THR D 25 -23.47 3.65 -11.77
N GLN D 26 -22.68 3.88 -10.73
CA GLN D 26 -21.95 5.14 -10.57
C GLN D 26 -20.44 4.91 -10.73
N PRO D 27 -19.71 5.85 -11.35
CA PRO D 27 -20.09 7.17 -11.90
C PRO D 27 -21.12 7.09 -13.01
N CYS D 28 -21.99 8.09 -13.13
CA CYS D 28 -23.12 7.97 -14.03
C CYS D 28 -22.67 7.97 -15.49
N GLN D 29 -23.11 6.96 -16.23
CA GLN D 29 -22.82 6.83 -17.66
C GLN D 29 -23.90 7.56 -18.45
N LEU D 30 -23.49 8.50 -19.29
CA LEU D 30 -24.41 9.30 -20.08
C LEU D 30 -24.24 8.92 -21.55
N SER D 31 -25.21 8.16 -22.07
CA SER D 31 -25.19 7.79 -23.47
C SER D 31 -25.52 9.01 -24.33
N LYS D 32 -24.80 9.16 -25.45
CA LYS D 32 -24.95 10.34 -26.28
C LYS D 32 -26.32 10.36 -26.95
N GLY D 33 -26.84 11.57 -27.13
CA GLY D 33 -28.16 11.76 -27.70
C GLY D 33 -29.25 11.11 -26.86
N GLN D 34 -29.29 11.44 -25.57
CA GLN D 34 -30.23 10.77 -24.68
C GLN D 34 -30.41 11.62 -23.43
N SER D 35 -31.66 11.76 -22.99
CA SER D 35 -32.01 12.68 -21.93
C SER D 35 -31.96 12.03 -20.56
N TYR D 36 -31.42 12.75 -19.59
CA TYR D 36 -31.36 12.31 -18.20
C TYR D 36 -31.98 13.37 -17.30
N SER D 37 -32.56 12.92 -16.19
CA SER D 37 -33.27 13.79 -15.27
C SER D 37 -32.53 13.86 -13.94
N VAL D 38 -32.49 15.07 -13.36
CA VAL D 38 -31.91 15.31 -12.05
C VAL D 38 -33.00 15.87 -11.13
N ASN D 39 -32.98 15.41 -9.89
CA ASN D 39 -33.96 15.78 -8.87
C ASN D 39 -33.20 15.96 -7.57
N VAL D 40 -33.06 17.20 -7.12
CA VAL D 40 -32.29 17.54 -5.93
C VAL D 40 -33.27 17.93 -4.83
N THR D 41 -33.31 17.15 -3.76
CA THR D 41 -34.11 17.47 -2.60
C THR D 41 -33.21 18.09 -1.54
N PHE D 42 -33.55 19.31 -1.12
CA PHE D 42 -32.75 20.06 -0.17
C PHE D 42 -33.66 20.79 0.80
N THR D 43 -33.08 21.21 1.93
CA THR D 43 -33.78 21.96 2.96
C THR D 43 -33.12 23.33 3.09
N SER D 44 -33.91 24.38 2.92
CA SER D 44 -33.39 25.74 2.95
C SER D 44 -33.25 26.24 4.39
N ASN D 45 -32.13 26.92 4.66
CA ASN D 45 -31.87 27.49 5.97
C ASN D 45 -32.27 28.96 6.07
N ILE D 46 -32.68 29.59 4.97
CA ILE D 46 -33.00 31.01 4.93
C ILE D 46 -34.25 31.21 4.08
N GLN D 47 -34.65 32.47 3.94
CA GLN D 47 -35.75 32.85 3.06
C GLN D 47 -35.19 33.68 1.91
N SER D 48 -35.51 33.28 0.69
CA SER D 48 -35.02 33.94 -0.51
C SER D 48 -36.16 34.15 -1.49
N LYS D 49 -36.09 35.25 -2.23
CA LYS D 49 -37.13 35.59 -3.20
C LYS D 49 -36.92 34.95 -4.56
N SER D 50 -35.69 34.61 -4.92
CA SER D 50 -35.41 33.99 -6.19
C SER D 50 -34.37 32.88 -6.00
N SER D 51 -34.13 32.14 -7.08
CA SER D 51 -33.11 31.10 -7.09
C SER D 51 -32.63 30.92 -8.52
N LYS D 52 -31.32 30.95 -8.71
CA LYS D 52 -30.70 30.89 -10.04
C LYS D 52 -29.76 29.70 -10.08
N ALA D 53 -30.05 28.75 -10.99
CA ALA D 53 -29.24 27.55 -11.10
C ALA D 53 -28.03 27.80 -11.99
N VAL D 54 -26.87 27.32 -11.55
CA VAL D 54 -25.61 27.48 -12.28
C VAL D 54 -24.93 26.11 -12.35
N VAL D 55 -24.48 25.74 -13.55
CA VAL D 55 -23.89 24.42 -13.80
C VAL D 55 -22.50 24.61 -14.38
N HIS D 56 -21.55 23.84 -13.86
CA HIS D 56 -20.19 23.81 -14.38
C HIS D 56 -19.78 22.37 -14.66
N GLY D 57 -18.96 22.20 -15.69
CA GLY D 57 -18.31 20.93 -15.96
C GLY D 57 -16.82 21.03 -15.66
N ILE D 58 -16.38 20.34 -14.62
CA ILE D 58 -15.01 20.45 -14.14
C ILE D 58 -14.14 19.41 -14.84
N LEU D 59 -13.13 19.92 -15.55
CA LEU D 59 -12.15 19.12 -16.28
C LEU D 59 -10.76 19.58 -15.87
N MET D 60 -9.91 18.63 -15.46
CA MET D 60 -8.53 18.92 -15.06
C MET D 60 -8.48 20.00 -13.98
N GLY D 61 -9.46 19.97 -13.07
CA GLY D 61 -9.53 20.92 -11.99
C GLY D 61 -10.09 22.28 -12.33
N VAL D 62 -10.51 22.50 -13.57
CA VAL D 62 -10.97 23.80 -14.05
C VAL D 62 -12.46 23.70 -14.36
N PRO D 63 -13.29 24.58 -13.81
CA PRO D 63 -14.73 24.55 -14.13
C PRO D 63 -15.01 25.24 -15.45
N VAL D 64 -15.83 24.61 -16.28
CA VAL D 64 -16.23 25.11 -17.58
C VAL D 64 -17.72 25.44 -17.52
N PRO D 65 -18.12 26.69 -17.71
CA PRO D 65 -19.55 27.05 -17.55
C PRO D 65 -20.41 26.31 -18.56
N PHE D 66 -21.54 25.81 -18.09
CA PHE D 66 -22.50 25.11 -18.95
C PHE D 66 -23.86 25.79 -18.86
N PRO D 67 -24.30 26.51 -19.90
CA PRO D 67 -25.62 27.14 -19.84
C PRO D 67 -26.72 26.11 -19.98
N ILE D 68 -27.74 26.23 -19.14
CA ILE D 68 -28.91 25.36 -19.19
C ILE D 68 -30.05 26.13 -19.86
N PRO D 69 -31.08 25.44 -20.37
CA PRO D 69 -32.21 26.18 -20.98
C PRO D 69 -32.87 27.16 -20.03
N GLU D 70 -33.17 26.75 -18.80
CA GLU D 70 -33.82 27.62 -17.82
C GLU D 70 -33.02 27.65 -16.53
N PRO D 71 -32.41 28.77 -16.16
CA PRO D 71 -31.62 28.82 -14.93
C PRO D 71 -32.43 29.19 -13.70
N ASP D 72 -33.64 29.73 -13.90
CA ASP D 72 -34.47 30.16 -12.78
C ASP D 72 -35.06 28.94 -12.09
N GLY D 73 -34.77 28.80 -10.79
CA GLY D 73 -35.28 27.67 -10.02
C GLY D 73 -36.74 27.76 -9.66
N CYS D 74 -37.33 28.96 -9.73
CA CYS D 74 -38.75 29.10 -9.47
C CYS D 74 -39.58 28.40 -10.54
N LYS D 75 -39.03 28.25 -11.74
CA LYS D 75 -39.66 27.48 -12.81
C LYS D 75 -39.09 26.06 -12.91
N SER D 76 -38.46 25.58 -11.83
CA SER D 76 -37.82 24.26 -11.81
C SER D 76 -38.31 23.45 -10.63
N GLY D 77 -39.61 23.52 -10.34
CA GLY D 77 -40.20 22.74 -9.28
C GLY D 77 -40.10 23.32 -7.90
N ILE D 78 -39.68 24.57 -7.77
CA ILE D 78 -39.56 25.24 -6.47
C ILE D 78 -40.62 26.32 -6.38
N ASN D 79 -41.40 26.29 -5.30
CA ASN D 79 -42.44 27.29 -5.06
C ASN D 79 -41.81 28.51 -4.41
N CYS D 80 -41.45 29.49 -5.25
CA CYS D 80 -40.90 30.74 -4.76
C CYS D 80 -42.03 31.62 -4.19
N PRO D 81 -41.73 32.38 -3.13
CA PRO D 81 -40.43 32.55 -2.49
C PRO D 81 -40.02 31.39 -1.58
N ILE D 82 -38.72 31.13 -1.52
CA ILE D 82 -38.20 30.05 -0.68
C ILE D 82 -38.30 30.44 0.79
N GLN D 83 -38.89 29.57 1.59
CA GLN D 83 -39.08 29.82 3.01
C GLN D 83 -38.12 28.96 3.83
N LYS D 84 -37.74 29.49 5.00
CA LYS D 84 -36.78 28.81 5.86
C LYS D 84 -37.34 27.49 6.35
N ASP D 85 -36.45 26.50 6.48
CA ASP D 85 -36.78 25.20 7.06
C ASP D 85 -37.70 24.39 6.16
N LYS D 86 -38.16 24.98 5.06
CA LYS D 86 -38.93 24.22 4.10
C LYS D 86 -38.03 23.32 3.26
N THR D 87 -38.63 22.26 2.72
CA THR D 87 -37.92 21.29 1.89
C THR D 87 -38.44 21.39 0.46
N TYR D 88 -37.51 21.43 -0.50
CA TYR D 88 -37.86 21.59 -1.90
C TYR D 88 -37.14 20.54 -2.74
N SER D 89 -37.67 20.33 -3.96
CA SER D 89 -37.11 19.39 -4.92
C SER D 89 -36.91 20.12 -6.25
N TYR D 90 -35.71 20.65 -6.45
CA TYR D 90 -35.31 21.17 -7.75
C TYR D 90 -35.35 20.05 -8.78
N LEU D 91 -35.95 20.32 -9.93
CA LEU D 91 -36.12 19.32 -10.97
C LEU D 91 -35.57 19.87 -12.28
N ASN D 92 -34.89 19.01 -13.04
CA ASN D 92 -34.45 19.40 -14.37
C ASN D 92 -34.21 18.14 -15.19
N LYS D 93 -34.12 18.33 -16.52
CA LYS D 93 -33.88 17.24 -17.43
C LYS D 93 -33.12 17.77 -18.63
N LEU D 94 -31.97 17.17 -18.93
CA LEU D 94 -31.10 17.64 -19.99
C LEU D 94 -30.80 16.54 -20.97
N PRO D 95 -30.65 16.87 -22.26
CA PRO D 95 -30.26 15.85 -23.24
C PRO D 95 -28.76 15.82 -23.48
N VAL D 96 -28.19 14.62 -23.52
CA VAL D 96 -26.81 14.44 -23.93
C VAL D 96 -26.77 14.48 -25.45
N LYS D 97 -26.09 15.48 -26.00
CA LYS D 97 -26.01 15.70 -27.43
C LYS D 97 -24.91 14.84 -28.05
N SER D 98 -24.98 14.68 -29.37
CA SER D 98 -23.93 13.99 -30.10
C SER D 98 -22.70 14.85 -30.35
N GLU D 99 -22.81 16.16 -30.14
CA GLU D 99 -21.63 17.03 -30.25
C GLU D 99 -20.72 16.90 -29.05
N TYR D 100 -21.26 16.48 -27.90
CA TYR D 100 -20.46 16.35 -26.70
C TYR D 100 -19.36 15.31 -26.91
N PRO D 101 -18.22 15.49 -26.27
CA PRO D 101 -17.14 14.50 -26.38
C PRO D 101 -17.35 13.32 -25.43
N SER D 102 -16.65 12.23 -25.71
CA SER D 102 -16.67 11.05 -24.86
C SER D 102 -15.57 11.20 -23.81
N ILE D 103 -15.87 11.98 -22.76
CA ILE D 103 -14.89 12.29 -21.73
C ILE D 103 -15.49 12.00 -20.36
N LYS D 104 -14.59 11.88 -19.38
CA LYS D 104 -14.95 11.87 -17.98
C LYS D 104 -14.75 13.27 -17.41
N LEU D 105 -15.64 13.67 -16.52
CA LEU D 105 -15.58 15.00 -15.92
C LEU D 105 -16.41 14.98 -14.65
N VAL D 106 -16.39 16.10 -13.93
CA VAL D 106 -17.17 16.22 -12.69
C VAL D 106 -18.19 17.32 -12.88
N VAL D 107 -19.48 16.96 -12.80
CA VAL D 107 -20.56 17.93 -12.95
C VAL D 107 -20.81 18.60 -11.61
N GLU D 108 -20.79 19.93 -11.60
CA GLU D 108 -21.02 20.73 -10.40
C GLU D 108 -22.28 21.54 -10.59
N TRP D 109 -23.21 21.44 -9.63
CA TRP D 109 -24.53 22.05 -9.73
C TRP D 109 -24.80 22.90 -8.50
N GLN D 110 -25.07 24.19 -8.72
CA GLN D 110 -25.35 25.13 -7.65
C GLN D 110 -26.70 25.80 -7.87
N LEU D 111 -27.32 26.22 -6.78
CA LEU D 111 -28.57 26.99 -6.82
C LEU D 111 -28.38 28.21 -5.93
N GLN D 112 -28.15 29.37 -6.54
CA GLN D 112 -27.90 30.58 -5.78
C GLN D 112 -29.20 31.26 -5.40
N ASP D 113 -29.15 32.07 -4.34
CA ASP D 113 -30.31 32.74 -3.77
C ASP D 113 -30.12 34.26 -3.88
N ASP D 114 -30.79 35.02 -3.01
CA ASP D 114 -30.79 36.47 -3.15
C ASP D 114 -29.40 37.05 -2.95
N LYS D 115 -28.68 36.56 -1.93
CA LYS D 115 -27.33 37.03 -1.65
C LYS D 115 -26.27 36.38 -2.55
N ASN D 116 -26.71 35.70 -3.61
CA ASN D 116 -25.85 34.86 -4.44
C ASN D 116 -24.99 33.94 -3.57
N GLN D 117 -25.68 33.14 -2.76
CA GLN D 117 -25.05 32.12 -1.96
C GLN D 117 -25.76 30.79 -2.20
N SER D 118 -25.04 29.70 -1.97
CA SER D 118 -25.49 28.37 -2.40
C SER D 118 -26.56 27.84 -1.45
N LEU D 119 -27.77 27.69 -1.96
CA LEU D 119 -28.75 26.84 -1.30
C LEU D 119 -28.34 25.38 -1.37
N PHE D 120 -27.73 24.96 -2.49
CA PHE D 120 -27.03 23.69 -2.53
C PHE D 120 -25.90 23.78 -3.54
N CYS D 121 -24.87 22.96 -3.30
CA CYS D 121 -23.75 22.79 -4.21
C CYS D 121 -23.32 21.34 -4.12
N TRP D 122 -23.38 20.61 -5.22
CA TRP D 122 -22.96 19.22 -5.22
C TRP D 122 -22.22 18.90 -6.51
N GLU D 123 -21.42 17.84 -6.44
CA GLU D 123 -20.63 17.35 -7.57
C GLU D 123 -20.74 15.83 -7.63
N ILE D 124 -20.87 15.31 -8.84
CA ILE D 124 -20.91 13.85 -9.06
C ILE D 124 -20.05 13.50 -10.24
N PRO D 125 -19.47 12.30 -10.22
CA PRO D 125 -18.66 11.84 -11.36
C PRO D 125 -19.54 11.32 -12.49
N VAL D 126 -19.24 11.78 -13.70
CA VAL D 126 -20.05 11.52 -14.89
C VAL D 126 -19.12 11.18 -16.05
N GLN D 127 -19.51 10.19 -16.85
CA GLN D 127 -18.76 9.84 -18.05
C GLN D 127 -19.71 9.79 -19.23
N ILE D 128 -19.52 10.67 -20.20
CA ILE D 128 -20.28 10.62 -21.44
C ILE D 128 -19.70 9.53 -22.32
N VAL D 129 -20.53 8.55 -22.68
CA VAL D 129 -20.10 7.41 -23.46
C VAL D 129 -20.81 7.41 -24.80
N SER D 130 -20.25 6.63 -25.72
CA SER D 130 -20.82 6.45 -27.05
C SER D 130 -21.63 5.15 -27.08
N HIS D 131 -22.74 5.19 -27.77
CA HIS D 131 -23.55 4.01 -27.92
C HIS D 131 -23.14 3.16 -29.10
N LEU D 132 -22.11 3.56 -29.83
CA LEU D 132 -21.63 2.75 -30.95
C LEU D 132 -20.65 1.71 -30.48
C1 NAG E . 41.86 -0.02 6.62
C2 NAG E . 42.98 -1.03 6.82
C3 NAG E . 43.78 -1.21 5.54
C4 NAG E . 42.85 -1.56 4.38
C5 NAG E . 41.74 -0.52 4.27
C6 NAG E . 40.70 -0.88 3.24
C7 NAG E . 43.78 -1.15 9.14
C8 NAG E . 44.75 -0.62 10.15
N2 NAG E . 43.86 -0.63 7.92
O3 NAG E . 44.74 -2.23 5.72
O4 NAG E . 43.59 -1.58 3.16
O5 NAG E . 41.05 -0.42 5.52
O6 NAG E . 41.18 -1.87 2.33
O7 NAG E . 42.96 -2.01 9.43
C1 NAG F . 33.98 24.49 8.55
C2 NAG F . 33.41 25.51 9.55
C3 NAG F . 32.25 24.90 10.36
C4 NAG F . 31.21 24.30 9.43
C5 NAG F . 31.88 23.31 8.47
C6 NAG F . 30.92 22.75 7.45
C7 NAG F . 35.24 25.53 11.31
C8 NAG F . 35.13 24.03 11.50
N2 NAG F . 34.43 26.11 10.41
O3 NAG F . 31.66 25.91 11.17
O4 NAG F . 30.23 23.60 10.19
O5 NAG F . 32.92 23.98 7.73
O6 NAG F . 31.61 22.25 6.31
O7 NAG F . 36.06 26.19 11.96
C65 C3S G . 32.86 3.23 15.16
C63 C3S G . 31.84 4.36 15.10
C69 C3S G . 31.03 4.30 13.80
C60 C3S G . 30.92 4.34 16.31
C57 C3S G . 31.68 4.79 17.55
C54 C3S G . 31.37 6.25 17.88
C48 C3S G . 30.12 6.38 18.75
C50 C3S G . 30.24 5.43 19.93
C38 C3S G . 29.94 7.85 19.15
C35 C3S G . 30.06 8.76 17.93
C29 C3S G . 28.62 8.24 19.81
C26 C3S G . 28.54 8.09 21.33
C40 C3S G . 27.46 7.52 19.13
C30 C3S G . 28.59 9.74 19.53
C32 C3S G . 29.02 9.86 18.07
C18 C3S G . 27.28 10.38 19.94
C15 C3S G . 27.33 11.86 19.59
C20 C3S G . 27.12 10.21 21.45
C23 C3S G . 27.26 8.73 21.85
C22 C3S G . 25.84 10.82 21.98
C44 C3S G . 24.66 9.89 21.70
C12 C3S G . 25.54 12.16 21.32
C9 C3S G . 24.43 13.01 21.89
C13 C3S G . 26.22 12.62 20.27
C1 C3S G . 25.95 11.06 23.47
C4 C3S G . 24.75 11.81 24.03
C7 C3S G . 24.59 13.19 23.39
O6 C3S G . 23.44 13.84 23.89
S1 C3S G . 23.55 14.93 24.98
O3 C3S G . 24.78 15.95 24.62
O2 C3S G . 22.32 15.67 25.04
O4 C3S G . 23.81 14.32 26.25
C1 NAG H . -37.96 14.26 -6.37
C2 NAG H . -39.35 13.77 -6.77
C3 NAG H . -40.32 13.90 -5.60
C4 NAG H . -39.75 13.26 -4.34
C5 NAG H . -38.36 13.81 -4.06
C6 NAG H . -37.68 13.13 -2.89
C7 NAG H . -40.26 13.88 -9.05
C8 NAG H . -40.74 14.78 -10.14
N2 NAG H . -39.85 14.48 -7.93
O3 NAG H . -41.56 13.29 -5.93
O4 NAG H . -40.59 13.53 -3.23
O5 NAG H . -37.52 13.59 -5.20
O6 NAG H . -37.32 11.79 -3.19
O7 NAG H . -40.23 12.66 -9.18
C1 NAG I . -22.21 34.54 -7.65
C2 NAG I . -21.32 35.36 -8.60
C3 NAG I . -20.41 34.44 -9.41
C4 NAG I . -19.62 33.53 -8.48
C5 NAG I . -20.57 32.77 -7.56
C6 NAG I . -19.86 31.91 -6.54
C7 NAG I . -22.45 37.43 -9.28
C8 NAG I . -23.31 38.10 -10.32
N2 NAG I . -22.14 36.15 -9.50
O3 NAG I . -19.50 35.23 -10.18
O4 NAG I . -18.85 32.59 -9.23
O5 NAG I . -21.37 33.70 -6.83
O6 NAG I . -20.74 30.96 -5.95
O7 NAG I . -22.06 38.03 -8.27
C65 C3S J . -27.48 15.12 -13.61
C63 C3S J . -26.80 14.91 -14.94
C69 C3S J . -27.40 13.72 -15.69
C60 C3S J . -26.87 16.17 -15.80
C57 C3S J . -26.21 15.92 -17.15
C54 C3S J . -25.75 17.24 -17.77
C48 C3S J . -24.68 16.98 -18.81
C50 C3S J . -25.31 16.35 -20.04
C38 C3S J . -23.96 18.29 -19.13
C35 C3S J . -23.73 19.13 -17.86
C29 C3S J . -22.57 18.14 -19.76
C26 C3S J . -22.56 18.01 -21.27
C40 C3S J . -21.83 16.97 -19.11
C30 C3S J . -21.94 19.47 -19.40
C32 C3S J . -22.31 19.70 -17.94
C18 C3S J . -20.47 19.54 -19.79
C15 C3S J . -19.89 20.88 -19.39
C20 C3S J . -20.42 19.38 -21.31
C23 C3S J . -21.12 18.10 -21.77
C22 C3S J . -19.01 19.45 -21.88
C44 C3S J . -18.30 18.13 -21.63
C12 C3S J . -18.21 20.54 -21.23
C9 C3S J . -16.90 20.97 -21.87
C13 C3S J . -18.59 21.16 -20.10
C1 C3S J . -19.11 19.74 -23.37
C4 C3S J . -17.74 19.96 -23.97
C7 C3S J . -17.06 21.18 -23.37
O6 C3S J . -15.77 21.33 -23.96
S1 C3S J . -15.52 22.27 -25.15
O3 C3S J . -15.16 23.76 -24.63
O2 C3S J . -14.43 21.76 -25.93
O4 C3S J . -16.70 22.32 -25.97
#